data_2JTX
#
_entry.id   2JTX
#
_cell.length_a   1.000
_cell.length_b   1.000
_cell.length_c   1.000
_cell.angle_alpha   90.00
_cell.angle_beta   90.00
_cell.angle_gamma   90.00
#
_symmetry.space_group_name_H-M   'P 1'
#
_entity_poly.entity_id   1
_entity_poly.type   'polypeptide(L)'
_entity_poly.pdbx_seq_one_letter_code
;GSMAGSVGAAAPVTAANGDDSESETSESDDDSPPRPAAVAVHKREEDEEEDDEFEEVADDPIVMVAGRPFSYSEVSQRPE
LVAQMTPEEKEAYIAMGQRMFEDLFE
;
_entity_poly.pdbx_strand_id   A
#
# COMPACT_ATOMS: atom_id res chain seq x y z
N ASP A 47 30.61 -5.35 -28.74
CA ASP A 47 29.92 -6.67 -28.79
C ASP A 47 28.61 -6.65 -28.01
N GLU A 48 28.71 -6.41 -26.70
CA GLU A 48 27.53 -6.36 -25.84
C GLU A 48 27.27 -4.94 -25.37
N GLU A 49 26.02 -4.65 -25.05
CA GLU A 49 25.64 -3.32 -24.59
C GLU A 49 25.68 -3.26 -23.06
N GLU A 50 26.24 -2.18 -22.53
CA GLU A 50 26.35 -2.00 -21.09
C GLU A 50 25.26 -1.06 -20.58
N ASP A 51 24.13 -1.05 -21.27
CA ASP A 51 23.01 -0.20 -20.88
C ASP A 51 22.01 -0.95 -19.99
N ASP A 52 22.45 -2.09 -19.44
CA ASP A 52 21.61 -2.89 -18.58
C ASP A 52 21.85 -2.55 -17.11
N GLU A 53 20.86 -1.95 -16.46
CA GLU A 53 20.97 -1.57 -15.06
C GLU A 53 19.73 -2.00 -14.28
N PHE A 54 19.94 -2.49 -13.06
CA PHE A 54 18.83 -2.93 -12.22
C PHE A 54 18.71 -2.04 -10.99
N GLU A 55 17.51 -1.51 -10.76
CA GLU A 55 17.26 -0.65 -9.62
C GLU A 55 15.86 -0.88 -9.06
N GLU A 56 15.69 -0.60 -7.77
CA GLU A 56 14.40 -0.78 -7.12
C GLU A 56 14.24 0.19 -5.95
N VAL A 57 13.89 1.44 -6.26
CA VAL A 57 13.70 2.46 -5.25
C VAL A 57 12.46 3.30 -5.52
N ALA A 58 11.60 3.44 -4.52
CA ALA A 58 10.38 4.22 -4.66
C ALA A 58 9.63 4.31 -3.34
N ASP A 59 8.94 5.43 -3.12
CA ASP A 59 8.18 5.63 -1.90
C ASP A 59 6.82 4.94 -1.99
N ASP A 60 6.38 4.35 -0.89
CA ASP A 60 5.10 3.66 -0.84
C ASP A 60 3.95 4.62 -1.14
N PRO A 61 2.95 4.16 -1.92
CA PRO A 61 1.79 4.98 -2.28
C PRO A 61 0.83 5.17 -1.12
N ILE A 62 -0.08 6.13 -1.25
CA ILE A 62 -1.07 6.41 -0.22
C ILE A 62 -2.44 5.85 -0.61
N VAL A 63 -3.09 5.19 0.34
CA VAL A 63 -4.42 4.62 0.11
C VAL A 63 -5.46 5.30 0.99
N MET A 64 -6.66 5.50 0.44
CA MET A 64 -7.74 6.13 1.18
C MET A 64 -8.58 5.10 1.91
N VAL A 65 -8.53 5.14 3.24
CA VAL A 65 -9.29 4.20 4.06
C VAL A 65 -10.41 4.92 4.81
N ALA A 66 -11.65 4.49 4.57
CA ALA A 66 -12.80 5.10 5.23
C ALA A 66 -12.86 6.60 5.01
N GLY A 67 -12.28 7.05 3.89
CA GLY A 67 -12.26 8.47 3.58
C GLY A 67 -11.10 9.21 4.22
N ARG A 68 -10.05 8.47 4.54
CA ARG A 68 -8.87 9.06 5.17
C ARG A 68 -7.59 8.51 4.54
N PRO A 69 -6.50 9.30 4.56
CA PRO A 69 -5.22 8.88 3.98
C PRO A 69 -4.53 7.80 4.81
N PHE A 70 -4.01 6.79 4.14
CA PHE A 70 -3.31 5.69 4.80
C PHE A 70 -2.25 5.09 3.90
N SER A 71 -1.44 4.20 4.45
CA SER A 71 -0.38 3.56 3.69
C SER A 71 -0.82 2.18 3.21
N TYR A 72 -0.51 1.87 1.96
CA TYR A 72 -0.89 0.59 1.37
C TYR A 72 -0.33 -0.57 2.19
N SER A 73 0.90 -0.41 2.68
CA SER A 73 1.55 -1.44 3.49
C SER A 73 0.79 -1.65 4.80
N GLU A 74 0.35 -0.56 5.41
CA GLU A 74 -0.37 -0.62 6.67
C GLU A 74 -1.73 -1.29 6.49
N VAL A 75 -2.29 -1.16 5.31
CA VAL A 75 -3.58 -1.77 5.00
C VAL A 75 -3.48 -3.29 4.96
N SER A 76 -2.47 -3.79 4.26
CA SER A 76 -2.26 -5.24 4.15
C SER A 76 -2.02 -5.86 5.52
N GLN A 77 -1.43 -5.08 6.41
CA GLN A 77 -1.13 -5.55 7.76
C GLN A 77 -2.40 -5.62 8.60
N ARG A 78 -3.38 -4.79 8.25
CA ARG A 78 -4.64 -4.75 8.97
C ARG A 78 -5.81 -4.95 8.01
N PRO A 79 -6.30 -6.19 7.85
CA PRO A 79 -7.42 -6.50 6.96
C PRO A 79 -8.70 -5.76 7.35
N GLU A 80 -8.79 -5.38 8.62
CA GLU A 80 -9.96 -4.67 9.12
C GLU A 80 -10.12 -3.33 8.41
N LEU A 81 -9.01 -2.76 7.99
CA LEU A 81 -9.02 -1.47 7.29
C LEU A 81 -9.76 -1.59 5.96
N VAL A 82 -9.55 -2.72 5.28
CA VAL A 82 -10.19 -2.95 3.98
C VAL A 82 -11.71 -2.99 4.13
N ALA A 83 -12.18 -3.60 5.20
CA ALA A 83 -13.62 -3.70 5.44
C ALA A 83 -14.22 -2.33 5.74
N GLN A 84 -13.41 -1.44 6.27
CA GLN A 84 -13.85 -0.08 6.59
C GLN A 84 -13.86 0.80 5.36
N MET A 85 -13.09 0.40 4.34
CA MET A 85 -13.02 1.16 3.10
C MET A 85 -14.30 1.02 2.28
N THR A 86 -14.83 2.14 1.82
CA THR A 86 -16.05 2.12 1.01
C THR A 86 -15.82 1.37 -0.30
N PRO A 87 -16.89 1.04 -1.03
CA PRO A 87 -16.78 0.32 -2.30
C PRO A 87 -15.81 0.99 -3.26
N GLU A 88 -16.04 2.26 -3.56
CA GLU A 88 -15.16 3.00 -4.45
C GLU A 88 -13.75 3.03 -3.90
N GLU A 89 -13.65 3.20 -2.58
CA GLU A 89 -12.37 3.23 -1.91
C GLU A 89 -11.68 1.87 -2.01
N LYS A 90 -12.50 0.81 -2.00
CA LYS A 90 -11.98 -0.55 -2.10
C LYS A 90 -11.33 -0.76 -3.47
N GLU A 91 -11.93 -0.16 -4.49
CA GLU A 91 -11.40 -0.27 -5.85
C GLU A 91 -10.03 0.39 -5.95
N ALA A 92 -9.91 1.59 -5.39
CA ALA A 92 -8.64 2.31 -5.42
C ALA A 92 -7.54 1.47 -4.79
N TYR A 93 -7.92 0.64 -3.83
CA TYR A 93 -6.99 -0.23 -3.14
C TYR A 93 -6.48 -1.31 -4.09
N ILE A 94 -7.42 -1.93 -4.79
CA ILE A 94 -7.12 -3.00 -5.73
C ILE A 94 -6.51 -2.44 -7.02
N ALA A 95 -6.96 -1.25 -7.42
CA ALA A 95 -6.46 -0.62 -8.63
C ALA A 95 -4.97 -0.36 -8.55
N MET A 96 -4.51 0.13 -7.39
CA MET A 96 -3.10 0.42 -7.19
C MET A 96 -2.25 -0.84 -7.34
N GLY A 97 -2.77 -1.96 -6.87
CA GLY A 97 -2.05 -3.22 -6.96
C GLY A 97 -1.74 -3.60 -8.40
N GLN A 98 -2.73 -3.46 -9.28
CA GLN A 98 -2.56 -3.79 -10.69
C GLN A 98 -1.53 -2.88 -11.34
N ARG A 99 -1.57 -1.60 -10.96
CA ARG A 99 -0.65 -0.62 -11.51
C ARG A 99 0.80 -0.99 -11.22
N MET A 100 1.04 -1.50 -10.01
CA MET A 100 2.38 -1.90 -9.60
C MET A 100 2.80 -3.22 -10.27
N PHE A 101 1.81 -4.02 -10.63
CA PHE A 101 2.07 -5.30 -11.27
C PHE A 101 1.88 -5.21 -12.78
N GLU A 102 2.13 -4.02 -13.33
CA GLU A 102 1.99 -3.80 -14.76
C GLU A 102 3.20 -4.33 -15.54
N ASP A 103 4.31 -4.48 -14.84
CA ASP A 103 5.54 -4.97 -15.45
C ASP A 103 6.34 -5.83 -14.48
N LEU A 104 5.93 -7.09 -14.34
CA LEU A 104 6.61 -8.02 -13.44
C LEU A 104 6.53 -9.44 -13.98
N PHE A 105 7.41 -9.77 -14.92
CA PHE A 105 7.44 -11.10 -15.51
C PHE A 105 8.61 -11.91 -14.97
N GLU A 106 8.33 -13.15 -14.57
CA GLU A 106 9.36 -14.03 -14.02
C GLU A 106 9.81 -15.05 -15.06
N ASP A 47 32.06 -15.52 15.40
CA ASP A 47 30.80 -15.02 14.79
C ASP A 47 30.56 -13.55 15.15
N GLU A 48 30.48 -12.71 14.12
CA GLU A 48 30.26 -11.29 14.31
C GLU A 48 28.81 -10.92 14.00
N GLU A 49 28.22 -10.09 14.86
CA GLU A 49 26.84 -9.65 14.67
C GLU A 49 26.78 -8.16 14.33
N GLU A 50 25.85 -7.80 13.45
CA GLU A 50 25.69 -6.40 13.05
C GLU A 50 24.57 -5.74 13.84
N ASP A 51 24.77 -4.46 14.18
CA ASP A 51 23.79 -3.71 14.95
C ASP A 51 22.47 -3.64 14.19
N ASP A 52 22.54 -3.48 12.87
CA ASP A 52 21.34 -3.40 12.04
C ASP A 52 21.49 -4.26 10.80
N GLU A 53 20.37 -4.52 10.13
CA GLU A 53 20.37 -5.33 8.91
C GLU A 53 19.55 -4.67 7.82
N PHE A 54 20.16 -3.69 7.14
CA PHE A 54 19.47 -2.97 6.06
C PHE A 54 20.25 -3.10 4.76
N GLU A 55 19.53 -3.02 3.64
CA GLU A 55 20.16 -3.12 2.33
C GLU A 55 19.37 -2.34 1.29
N GLU A 56 18.15 -2.78 1.01
CA GLU A 56 17.29 -2.12 0.04
C GLU A 56 16.15 -1.38 0.73
N VAL A 57 15.89 -0.15 0.30
CA VAL A 57 14.81 0.66 0.87
C VAL A 57 13.86 1.15 -0.20
N ALA A 58 12.56 1.04 0.06
CA ALA A 58 11.55 1.48 -0.89
C ALA A 58 10.32 2.00 -0.17
N ASP A 59 9.61 2.93 -0.81
CA ASP A 59 8.40 3.52 -0.23
C ASP A 59 7.16 2.97 -0.91
N ASP A 60 6.04 2.98 -0.17
CA ASP A 60 4.77 2.49 -0.71
C ASP A 60 3.80 3.63 -0.95
N PRO A 61 2.91 3.49 -1.94
CA PRO A 61 1.92 4.51 -2.28
C PRO A 61 0.84 4.65 -1.20
N ILE A 62 0.15 5.78 -1.21
CA ILE A 62 -0.91 6.03 -0.23
C ILE A 62 -2.24 5.42 -0.70
N VAL A 63 -3.05 5.01 0.26
CA VAL A 63 -4.35 4.42 -0.04
C VAL A 63 -5.45 5.12 0.74
N MET A 64 -6.60 5.31 0.09
CA MET A 64 -7.73 5.97 0.74
C MET A 64 -8.54 4.97 1.56
N VAL A 65 -8.54 5.16 2.88
CA VAL A 65 -9.28 4.28 3.78
C VAL A 65 -10.44 5.02 4.43
N ALA A 66 -11.65 4.68 4.01
CA ALA A 66 -12.84 5.33 4.55
C ALA A 66 -12.80 6.84 4.36
N GLY A 67 -12.00 7.29 3.40
CA GLY A 67 -11.88 8.71 3.14
C GLY A 67 -10.58 9.31 3.68
N ARG A 68 -9.92 8.59 4.59
CA ARG A 68 -8.67 9.06 5.16
C ARG A 68 -7.47 8.39 4.50
N PRO A 69 -6.35 9.12 4.37
CA PRO A 69 -5.13 8.59 3.75
C PRO A 69 -4.39 7.61 4.65
N PHE A 70 -3.94 6.51 4.08
CA PHE A 70 -3.21 5.49 4.84
C PHE A 70 -2.19 4.79 3.95
N SER A 71 -1.18 4.18 4.57
CA SER A 71 -0.15 3.47 3.82
C SER A 71 -0.66 2.12 3.33
N TYR A 72 -0.34 1.78 2.10
CA TYR A 72 -0.78 0.52 1.51
C TYR A 72 -0.30 -0.67 2.36
N SER A 73 0.93 -0.59 2.84
CA SER A 73 1.50 -1.64 3.66
C SER A 73 0.72 -1.80 4.97
N GLU A 74 0.30 -0.68 5.54
CA GLU A 74 -0.45 -0.70 6.79
C GLU A 74 -1.81 -1.35 6.60
N VAL A 75 -2.34 -1.23 5.39
CA VAL A 75 -3.65 -1.81 5.08
C VAL A 75 -3.59 -3.33 5.11
N SER A 76 -2.56 -3.89 4.46
CA SER A 76 -2.40 -5.34 4.42
C SER A 76 -2.15 -5.90 5.81
N GLN A 77 -1.54 -5.10 6.67
CA GLN A 77 -1.25 -5.51 8.04
C GLN A 77 -2.52 -5.49 8.90
N ARG A 78 -3.47 -4.66 8.51
CA ARG A 78 -4.72 -4.54 9.24
C ARG A 78 -5.92 -4.79 8.31
N PRO A 79 -6.45 -6.03 8.31
CA PRO A 79 -7.59 -6.38 7.46
C PRO A 79 -8.84 -5.56 7.79
N GLU A 80 -8.92 -5.08 9.03
CA GLU A 80 -10.05 -4.28 9.46
C GLU A 80 -10.14 -2.99 8.67
N LEU A 81 -9.00 -2.51 8.20
CA LEU A 81 -8.95 -1.28 7.43
C LEU A 81 -9.65 -1.45 6.08
N VAL A 82 -9.47 -2.61 5.46
CA VAL A 82 -10.09 -2.91 4.18
C VAL A 82 -11.62 -2.93 4.31
N ALA A 83 -12.10 -3.47 5.42
CA ALA A 83 -13.54 -3.54 5.67
C ALA A 83 -14.14 -2.16 5.88
N GLN A 84 -13.31 -1.25 6.39
CA GLN A 84 -13.75 0.13 6.64
C GLN A 84 -13.76 0.95 5.35
N MET A 85 -13.03 0.46 4.34
CA MET A 85 -12.96 1.14 3.06
C MET A 85 -14.25 0.97 2.27
N THR A 86 -14.80 2.08 1.79
CA THR A 86 -16.03 2.04 0.99
C THR A 86 -15.81 1.24 -0.28
N PRO A 87 -16.90 0.72 -0.89
CA PRO A 87 -16.81 -0.07 -2.12
C PRO A 87 -15.89 0.57 -3.15
N GLU A 88 -16.18 1.81 -3.51
CA GLU A 88 -15.36 2.53 -4.48
C GLU A 88 -13.93 2.65 -3.97
N GLU A 89 -13.80 2.87 -2.66
CA GLU A 89 -12.49 2.98 -2.04
C GLU A 89 -11.76 1.65 -2.11
N LYS A 90 -12.52 0.56 -2.01
CA LYS A 90 -11.93 -0.77 -2.07
C LYS A 90 -11.30 -1.01 -3.44
N GLU A 91 -11.93 -0.46 -4.47
CA GLU A 91 -11.43 -0.59 -5.83
C GLU A 91 -10.09 0.11 -5.97
N ALA A 92 -9.98 1.31 -5.41
CA ALA A 92 -8.74 2.07 -5.46
C ALA A 92 -7.61 1.29 -4.83
N TYR A 93 -7.95 0.49 -3.83
CA TYR A 93 -6.98 -0.34 -3.13
C TYR A 93 -6.45 -1.43 -4.05
N ILE A 94 -7.38 -2.06 -4.76
CA ILE A 94 -7.05 -3.13 -5.67
C ILE A 94 -6.50 -2.61 -7.00
N ALA A 95 -7.00 -1.46 -7.43
CA ALA A 95 -6.57 -0.87 -8.68
C ALA A 95 -5.13 -0.38 -8.60
N MET A 96 -4.78 0.26 -7.49
CA MET A 96 -3.43 0.77 -7.29
C MET A 96 -2.40 -0.34 -7.42
N GLY A 97 -2.76 -1.54 -6.99
CA GLY A 97 -1.85 -2.67 -7.06
C GLY A 97 -1.42 -2.97 -8.49
N GLN A 98 -2.39 -3.00 -9.39
CA GLN A 98 -2.12 -3.27 -10.80
C GLN A 98 -1.40 -2.10 -11.46
N ARG A 99 -1.78 -0.89 -11.06
CA ARG A 99 -1.17 0.32 -11.61
C ARG A 99 0.34 0.31 -11.43
N MET A 100 0.80 -0.30 -10.34
CA MET A 100 2.23 -0.38 -10.05
C MET A 100 2.98 -1.10 -11.17
N PHE A 101 2.27 -1.95 -11.90
CA PHE A 101 2.86 -2.70 -13.00
C PHE A 101 2.22 -2.34 -14.33
N GLU A 102 1.47 -1.24 -14.36
CA GLU A 102 0.80 -0.81 -15.58
C GLU A 102 1.77 -0.07 -16.51
N ASP A 103 2.83 0.48 -15.93
CA ASP A 103 3.82 1.20 -16.71
C ASP A 103 5.16 1.26 -15.96
N LEU A 104 5.97 0.23 -16.14
CA LEU A 104 7.28 0.17 -15.50
C LEU A 104 8.21 -0.79 -16.23
N PHE A 105 8.90 -0.27 -17.24
CA PHE A 105 9.83 -1.07 -18.03
C PHE A 105 11.27 -0.79 -17.63
N GLU A 106 12.04 -1.86 -17.41
CA GLU A 106 13.43 -1.73 -17.02
C GLU A 106 14.31 -2.70 -17.79
N ASP A 47 30.17 7.62 -25.80
CA ASP A 47 28.89 7.13 -25.23
C ASP A 47 29.06 5.74 -24.61
N GLU A 48 30.17 5.55 -23.90
CA GLU A 48 30.45 4.27 -23.25
C GLU A 48 30.14 4.33 -21.76
N GLU A 49 29.61 3.25 -21.22
CA GLU A 49 29.27 3.19 -19.81
C GLU A 49 30.51 2.90 -18.97
N GLU A 50 30.50 3.40 -17.73
CA GLU A 50 31.63 3.19 -16.82
C GLU A 50 31.59 1.81 -16.19
N ASP A 51 30.38 1.35 -15.88
CA ASP A 51 30.19 0.03 -15.27
C ASP A 51 28.72 -0.29 -15.11
N ASP A 52 27.96 0.67 -14.59
CA ASP A 52 26.53 0.48 -14.39
C ASP A 52 25.81 1.83 -14.32
N GLU A 53 24.49 1.79 -14.48
CA GLU A 53 23.68 3.01 -14.42
C GLU A 53 23.01 3.16 -13.06
N PHE A 54 22.54 4.37 -12.77
CA PHE A 54 21.87 4.65 -11.51
C PHE A 54 20.37 4.39 -11.61
N GLU A 55 19.82 3.68 -10.63
CA GLU A 55 18.40 3.36 -10.61
C GLU A 55 17.67 4.22 -9.59
N GLU A 56 16.45 4.64 -9.93
CA GLU A 56 15.65 5.46 -9.03
C GLU A 56 14.56 4.63 -8.37
N VAL A 57 14.23 4.97 -7.13
CA VAL A 57 13.20 4.26 -6.38
C VAL A 57 12.15 5.22 -5.83
N ALA A 58 10.90 4.79 -5.85
CA ALA A 58 9.80 5.62 -5.35
C ALA A 58 9.22 5.05 -4.07
N ASP A 59 8.58 5.91 -3.28
CA ASP A 59 7.98 5.49 -2.02
C ASP A 59 6.64 4.82 -2.25
N ASP A 60 6.17 4.09 -1.25
CA ASP A 60 4.90 3.38 -1.35
C ASP A 60 3.75 4.37 -1.56
N PRO A 61 2.75 4.01 -2.38
CA PRO A 61 1.59 4.86 -2.66
C PRO A 61 0.63 4.96 -1.49
N ILE A 62 -0.26 5.94 -1.54
CA ILE A 62 -1.25 6.13 -0.48
C ILE A 62 -2.59 5.53 -0.86
N VAL A 63 -3.33 5.06 0.13
CA VAL A 63 -4.65 4.48 -0.10
C VAL A 63 -5.71 5.17 0.75
N MET A 64 -6.90 5.34 0.18
CA MET A 64 -7.99 5.98 0.89
C MET A 64 -8.75 4.97 1.75
N VAL A 65 -8.68 5.13 3.05
CA VAL A 65 -9.37 4.23 3.98
C VAL A 65 -10.38 4.99 4.82
N ALA A 66 -11.65 4.67 4.62
CA ALA A 66 -12.73 5.33 5.37
C ALA A 66 -12.69 6.84 5.19
N GLY A 67 -12.06 7.29 4.10
CA GLY A 67 -11.97 8.71 3.85
C GLY A 67 -10.63 9.30 4.25
N ARG A 68 -9.88 8.57 5.08
CA ARG A 68 -8.58 9.04 5.55
C ARG A 68 -7.45 8.36 4.77
N PRO A 69 -6.34 9.08 4.53
CA PRO A 69 -5.19 8.55 3.79
C PRO A 69 -4.35 7.61 4.64
N PHE A 70 -3.94 6.48 4.05
CA PHE A 70 -3.13 5.49 4.74
C PHE A 70 -2.20 4.78 3.76
N SER A 71 -1.12 4.22 4.28
CA SER A 71 -0.16 3.51 3.45
C SER A 71 -0.74 2.19 2.96
N TYR A 72 -0.48 1.85 1.70
CA TYR A 72 -0.98 0.61 1.12
C TYR A 72 -0.52 -0.60 1.92
N SER A 73 0.74 -0.58 2.34
CA SER A 73 1.29 -1.67 3.12
C SER A 73 0.61 -1.79 4.49
N GLU A 74 0.30 -0.64 5.09
CA GLU A 74 -0.35 -0.61 6.39
C GLU A 74 -1.73 -1.25 6.32
N VAL A 75 -2.36 -1.16 5.16
CA VAL A 75 -3.68 -1.73 4.96
C VAL A 75 -3.63 -3.25 4.98
N SER A 76 -2.66 -3.82 4.26
CA SER A 76 -2.51 -5.27 4.20
C SER A 76 -2.19 -5.83 5.58
N GLN A 77 -1.53 -5.03 6.40
CA GLN A 77 -1.17 -5.46 7.75
C GLN A 77 -2.39 -5.47 8.67
N ARG A 78 -3.38 -4.66 8.34
CA ARG A 78 -4.60 -4.58 9.13
C ARG A 78 -5.83 -4.84 8.25
N PRO A 79 -6.21 -6.12 8.09
CA PRO A 79 -7.37 -6.50 7.28
C PRO A 79 -8.63 -5.74 7.66
N GLU A 80 -8.70 -5.31 8.91
CA GLU A 80 -9.85 -4.56 9.41
C GLU A 80 -10.01 -3.24 8.65
N LEU A 81 -8.89 -2.72 8.17
CA LEU A 81 -8.90 -1.46 7.42
C LEU A 81 -9.64 -1.62 6.10
N VAL A 82 -9.45 -2.77 5.46
CA VAL A 82 -10.10 -3.05 4.19
C VAL A 82 -11.61 -3.09 4.34
N ALA A 83 -12.06 -3.64 5.48
CA ALA A 83 -13.50 -3.74 5.75
C ALA A 83 -14.11 -2.36 5.92
N GLN A 84 -13.30 -1.42 6.39
CA GLN A 84 -13.75 -0.05 6.60
C GLN A 84 -13.80 0.73 5.29
N MET A 85 -13.09 0.22 4.27
CA MET A 85 -13.05 0.87 2.97
C MET A 85 -14.38 0.71 2.24
N THR A 86 -14.88 1.82 1.69
CA THR A 86 -16.14 1.81 0.95
C THR A 86 -15.92 1.17 -0.42
N PRO A 87 -17.01 0.95 -1.19
CA PRO A 87 -16.91 0.34 -2.52
C PRO A 87 -15.92 1.07 -3.41
N GLU A 88 -16.12 2.36 -3.60
CA GLU A 88 -15.22 3.16 -4.42
C GLU A 88 -13.81 3.11 -3.86
N GLU A 89 -13.71 3.16 -2.53
CA GLU A 89 -12.42 3.10 -1.85
C GLU A 89 -11.77 1.73 -2.08
N LYS A 90 -12.61 0.70 -2.16
CA LYS A 90 -12.12 -0.65 -2.38
C LYS A 90 -11.46 -0.75 -3.76
N GLU A 91 -12.04 -0.05 -4.72
CA GLU A 91 -11.52 -0.05 -6.08
C GLU A 91 -10.12 0.56 -6.12
N ALA A 92 -9.96 1.70 -5.47
CA ALA A 92 -8.67 2.38 -5.43
C ALA A 92 -7.62 1.48 -4.79
N TYR A 93 -8.08 0.63 -3.89
CA TYR A 93 -7.20 -0.32 -3.20
C TYR A 93 -6.71 -1.38 -4.17
N ILE A 94 -7.65 -1.90 -4.95
CA ILE A 94 -7.37 -2.94 -5.92
C ILE A 94 -6.70 -2.38 -7.17
N ALA A 95 -7.10 -1.18 -7.56
CA ALA A 95 -6.54 -0.55 -8.75
C ALA A 95 -5.07 -0.19 -8.53
N MET A 96 -4.74 0.26 -7.32
CA MET A 96 -3.38 0.62 -6.99
C MET A 96 -2.44 -0.58 -7.13
N GLY A 97 -2.93 -1.75 -6.76
CA GLY A 97 -2.12 -2.95 -6.84
C GLY A 97 -1.65 -3.24 -8.26
N GLN A 98 -2.52 -2.95 -9.23
CA GLN A 98 -2.18 -3.17 -10.63
C GLN A 98 -0.96 -2.37 -11.04
N ARG A 99 -0.86 -1.14 -10.53
CA ARG A 99 0.27 -0.27 -10.83
C ARG A 99 1.56 -0.85 -10.29
N MET A 100 1.47 -1.54 -9.15
CA MET A 100 2.64 -2.14 -8.53
C MET A 100 3.31 -3.13 -9.46
N PHE A 101 2.55 -3.68 -10.38
CA PHE A 101 3.08 -4.65 -11.34
C PHE A 101 3.82 -3.94 -12.50
N GLU A 102 3.74 -2.62 -12.52
CA GLU A 102 4.41 -1.85 -13.57
C GLU A 102 5.89 -1.69 -13.28
N ASP A 103 6.27 -1.83 -12.01
CA ASP A 103 7.65 -1.70 -11.59
C ASP A 103 7.92 -2.51 -10.33
N LEU A 104 8.21 -3.80 -10.51
CA LEU A 104 8.49 -4.67 -9.37
C LEU A 104 9.42 -5.81 -9.79
N PHE A 105 10.73 -5.53 -9.77
CA PHE A 105 11.72 -6.52 -10.14
C PHE A 105 12.52 -6.99 -8.92
N GLU A 106 12.72 -8.30 -8.82
CA GLU A 106 13.46 -8.87 -7.70
C GLU A 106 14.89 -9.18 -8.11
N ASP A 47 27.35 15.46 6.89
CA ASP A 47 26.11 14.65 6.81
C ASP A 47 26.43 13.19 6.49
N GLU A 48 27.47 12.98 5.69
CA GLU A 48 27.89 11.64 5.31
C GLU A 48 28.71 10.98 6.43
N GLU A 49 28.49 9.70 6.64
CA GLU A 49 29.21 8.96 7.67
C GLU A 49 30.04 7.84 7.06
N GLU A 50 31.15 7.51 7.70
CA GLU A 50 32.04 6.45 7.23
C GLU A 50 31.84 5.16 8.03
N ASP A 51 32.32 5.17 9.27
CA ASP A 51 32.19 4.00 10.14
C ASP A 51 30.73 3.64 10.36
N ASP A 52 29.90 4.67 10.56
CA ASP A 52 28.48 4.47 10.79
C ASP A 52 27.70 4.53 9.48
N GLU A 53 27.05 3.43 9.13
CA GLU A 53 26.26 3.37 7.89
C GLU A 53 24.83 2.95 8.18
N PHE A 54 23.88 3.63 7.55
CA PHE A 54 22.47 3.32 7.74
C PHE A 54 21.80 2.99 6.41
N GLU A 55 20.73 2.21 6.47
CA GLU A 55 19.99 1.83 5.27
C GLU A 55 18.66 2.56 5.17
N GLU A 56 18.32 2.99 3.97
CA GLU A 56 17.06 3.71 3.74
C GLU A 56 16.14 2.92 2.83
N VAL A 57 14.84 3.15 2.96
CA VAL A 57 13.85 2.46 2.14
C VAL A 57 12.85 3.45 1.55
N ALA A 58 12.44 3.20 0.31
CA ALA A 58 11.49 4.06 -0.37
C ALA A 58 10.14 4.05 0.34
N ASP A 59 9.43 5.18 0.28
CA ASP A 59 8.13 5.30 0.91
C ASP A 59 7.05 4.67 0.04
N ASP A 60 6.16 3.91 0.67
CA ASP A 60 5.07 3.25 -0.05
C ASP A 60 3.99 4.26 -0.45
N PRO A 61 3.20 3.94 -1.48
CA PRO A 61 2.12 4.82 -1.97
C PRO A 61 1.00 4.97 -0.94
N ILE A 62 0.17 5.99 -1.13
CA ILE A 62 -0.95 6.24 -0.23
C ILE A 62 -2.23 5.61 -0.76
N VAL A 63 -3.09 5.18 0.17
CA VAL A 63 -4.35 4.56 -0.19
C VAL A 63 -5.51 5.21 0.56
N MET A 64 -6.64 5.37 -0.11
CA MET A 64 -7.82 5.98 0.51
C MET A 64 -8.59 4.94 1.32
N VAL A 65 -8.61 5.13 2.65
CA VAL A 65 -9.31 4.21 3.53
C VAL A 65 -10.43 4.93 4.27
N ALA A 66 -11.68 4.55 3.96
CA ALA A 66 -12.84 5.16 4.60
C ALA A 66 -12.82 6.69 4.44
N GLY A 67 -12.12 7.17 3.42
CA GLY A 67 -12.04 8.59 3.18
C GLY A 67 -10.75 9.21 3.69
N ARG A 68 -10.04 8.48 4.54
CA ARG A 68 -8.78 8.98 5.10
C ARG A 68 -7.58 8.31 4.41
N PRO A 69 -6.48 9.05 4.25
CA PRO A 69 -5.27 8.54 3.62
C PRO A 69 -4.49 7.60 4.52
N PHE A 70 -4.02 6.48 3.97
CA PHE A 70 -3.26 5.50 4.72
C PHE A 70 -2.22 4.82 3.83
N SER A 71 -1.17 4.28 4.46
CA SER A 71 -0.12 3.61 3.70
C SER A 71 -0.64 2.30 3.11
N TYR A 72 -0.26 2.03 1.86
CA TYR A 72 -0.69 0.82 1.19
C TYR A 72 -0.26 -0.42 1.96
N SER A 73 0.97 -0.42 2.45
CA SER A 73 1.51 -1.54 3.21
C SER A 73 0.74 -1.72 4.52
N GLU A 74 0.36 -0.61 5.13
CA GLU A 74 -0.37 -0.63 6.39
C GLU A 74 -1.73 -1.31 6.22
N VAL A 75 -2.28 -1.19 5.03
CA VAL A 75 -3.58 -1.78 4.72
C VAL A 75 -3.49 -3.30 4.68
N SER A 76 -2.48 -3.81 3.98
CA SER A 76 -2.28 -5.26 3.87
C SER A 76 -1.96 -5.87 5.22
N GLN A 77 -1.34 -5.08 6.08
CA GLN A 77 -0.98 -5.55 7.42
C GLN A 77 -2.19 -5.58 8.33
N ARG A 78 -3.18 -4.75 8.03
CA ARG A 78 -4.41 -4.67 8.82
C ARG A 78 -5.63 -4.90 7.95
N PRO A 79 -6.00 -6.17 7.72
CA PRO A 79 -7.17 -6.52 6.89
C PRO A 79 -8.42 -5.78 7.33
N GLU A 80 -8.48 -5.40 8.60
CA GLU A 80 -9.63 -4.68 9.13
C GLU A 80 -9.81 -3.35 8.44
N LEU A 81 -8.71 -2.78 7.97
CA LEU A 81 -8.74 -1.50 7.28
C LEU A 81 -9.50 -1.61 5.96
N VAL A 82 -9.34 -2.74 5.28
CA VAL A 82 -10.01 -2.97 4.01
C VAL A 82 -11.53 -3.01 4.19
N ALA A 83 -11.98 -3.59 5.29
CA ALA A 83 -13.40 -3.68 5.58
C ALA A 83 -13.99 -2.30 5.85
N GLN A 84 -13.16 -1.41 6.37
CA GLN A 84 -13.59 -0.04 6.67
C GLN A 84 -13.70 0.79 5.40
N MET A 85 -13.00 0.37 4.36
CA MET A 85 -13.00 1.09 3.08
C MET A 85 -14.34 0.89 2.36
N THR A 86 -14.94 1.98 1.93
CA THR A 86 -16.21 1.92 1.22
C THR A 86 -16.03 1.22 -0.13
N PRO A 87 -17.13 0.91 -0.84
CA PRO A 87 -17.06 0.23 -2.13
C PRO A 87 -16.12 0.93 -3.11
N GLU A 88 -16.39 2.22 -3.36
CA GLU A 88 -15.55 2.99 -4.26
C GLU A 88 -14.12 3.04 -3.73
N GLU A 89 -14.00 3.15 -2.41
CA GLU A 89 -12.69 3.19 -1.76
C GLU A 89 -11.98 1.86 -1.92
N LYS A 90 -12.76 0.78 -1.93
CA LYS A 90 -12.19 -0.56 -2.09
C LYS A 90 -11.58 -0.71 -3.48
N GLU A 91 -12.19 -0.06 -4.46
CA GLU A 91 -11.69 -0.10 -5.83
C GLU A 91 -10.31 0.54 -5.93
N ALA A 92 -10.15 1.71 -5.31
CA ALA A 92 -8.89 2.41 -5.33
C ALA A 92 -7.78 1.54 -4.77
N TYR A 93 -8.15 0.67 -3.84
CA TYR A 93 -7.21 -0.26 -3.22
C TYR A 93 -6.75 -1.29 -4.24
N ILE A 94 -7.72 -1.87 -4.93
CA ILE A 94 -7.46 -2.88 -5.93
C ILE A 94 -6.84 -2.27 -7.20
N ALA A 95 -7.28 -1.07 -7.55
CA ALA A 95 -6.77 -0.39 -8.74
C ALA A 95 -5.29 -0.07 -8.59
N MET A 96 -4.93 0.54 -7.46
CA MET A 96 -3.54 0.91 -7.20
C MET A 96 -2.65 -0.33 -7.15
N GLY A 97 -3.19 -1.42 -6.60
CA GLY A 97 -2.43 -2.66 -6.52
C GLY A 97 -1.99 -3.16 -7.87
N GLN A 98 -2.85 -2.98 -8.87
CA GLN A 98 -2.54 -3.43 -10.23
C GLN A 98 -1.28 -2.76 -10.75
N ARG A 99 -1.13 -1.47 -10.46
CA ARG A 99 0.03 -0.71 -10.90
C ARG A 99 1.30 -1.23 -10.23
N MET A 100 1.16 -1.69 -8.99
CA MET A 100 2.29 -2.21 -8.23
C MET A 100 2.96 -3.37 -8.97
N PHE A 101 2.21 -4.03 -9.84
CA PHE A 101 2.73 -5.16 -10.60
C PHE A 101 3.24 -4.70 -11.98
N GLU A 102 3.52 -3.41 -12.11
CA GLU A 102 4.00 -2.85 -13.36
C GLU A 102 5.49 -3.13 -13.54
N ASP A 103 6.19 -3.33 -12.43
CA ASP A 103 7.62 -3.60 -12.46
C ASP A 103 8.01 -4.63 -11.39
N LEU A 104 7.77 -5.89 -11.69
CA LEU A 104 8.09 -6.96 -10.76
C LEU A 104 8.49 -8.24 -11.50
N PHE A 105 9.75 -8.30 -11.91
CA PHE A 105 10.27 -9.46 -12.64
C PHE A 105 11.50 -10.04 -11.94
N GLU A 106 11.82 -11.28 -12.26
CA GLU A 106 12.97 -11.95 -11.66
C GLU A 106 14.26 -11.51 -12.35
N ASP A 47 -3.48 -1.13 33.50
CA ASP A 47 -3.87 -1.97 32.32
C ASP A 47 -2.64 -2.35 31.50
N GLU A 48 -2.04 -1.37 30.85
CA GLU A 48 -0.86 -1.60 30.02
C GLU A 48 0.38 -0.98 30.66
N GLU A 49 1.55 -1.48 30.26
CA GLU A 49 2.81 -0.99 30.81
C GLU A 49 3.43 0.03 29.85
N GLU A 50 4.25 0.93 30.41
CA GLU A 50 4.91 1.95 29.61
C GLU A 50 6.13 1.38 28.89
N ASP A 51 5.91 0.79 27.73
CA ASP A 51 7.00 0.21 26.94
C ASP A 51 6.85 0.57 25.47
N ASP A 52 7.95 0.45 24.73
CA ASP A 52 7.95 0.77 23.30
C ASP A 52 7.94 -0.51 22.47
N GLU A 53 7.42 -0.40 21.25
CA GLU A 53 7.35 -1.54 20.34
C GLU A 53 8.08 -1.25 19.04
N PHE A 54 8.56 -2.31 18.38
CA PHE A 54 9.28 -2.17 17.13
C PHE A 54 8.38 -2.51 15.95
N GLU A 55 8.29 -1.59 15.00
CA GLU A 55 7.46 -1.79 13.81
C GLU A 55 8.23 -1.44 12.54
N GLU A 56 8.03 -2.22 11.49
CA GLU A 56 8.71 -1.99 10.22
C GLU A 56 7.79 -1.27 9.25
N VAL A 57 8.30 -0.20 8.64
CA VAL A 57 7.53 0.58 7.69
C VAL A 57 8.22 0.66 6.33
N ALA A 58 7.46 0.43 5.27
CA ALA A 58 8.00 0.46 3.92
C ALA A 58 7.49 1.68 3.15
N ASP A 59 8.29 2.15 2.21
CA ASP A 59 7.93 3.32 1.40
C ASP A 59 6.96 2.92 0.29
N ASP A 60 5.67 2.97 0.60
CA ASP A 60 4.64 2.62 -0.37
C ASP A 60 3.70 3.79 -0.61
N PRO A 61 2.91 3.75 -1.71
CA PRO A 61 1.96 4.81 -2.04
C PRO A 61 0.80 4.89 -1.05
N ILE A 62 0.23 6.08 -0.90
CA ILE A 62 -0.88 6.29 0.02
C ILE A 62 -2.15 5.64 -0.50
N VAL A 63 -3.03 5.26 0.43
CA VAL A 63 -4.29 4.62 0.07
C VAL A 63 -5.45 5.28 0.80
N MET A 64 -6.59 5.41 0.11
CA MET A 64 -7.77 6.02 0.70
C MET A 64 -8.56 4.99 1.50
N VAL A 65 -8.61 5.16 2.82
CA VAL A 65 -9.33 4.26 3.68
C VAL A 65 -10.47 4.97 4.41
N ALA A 66 -11.70 4.60 4.09
CA ALA A 66 -12.87 5.22 4.71
C ALA A 66 -12.86 6.73 4.54
N GLY A 67 -12.15 7.21 3.53
CA GLY A 67 -12.07 8.63 3.28
C GLY A 67 -10.79 9.27 3.82
N ARG A 68 -10.08 8.53 4.65
CA ARG A 68 -8.84 9.04 5.24
C ARG A 68 -7.62 8.39 4.58
N PRO A 69 -6.51 9.13 4.45
CA PRO A 69 -5.28 8.63 3.83
C PRO A 69 -4.50 7.70 4.76
N PHE A 70 -4.02 6.59 4.20
CA PHE A 70 -3.26 5.61 4.98
C PHE A 70 -2.22 4.93 4.11
N SER A 71 -1.20 4.37 4.74
CA SER A 71 -0.13 3.69 4.01
C SER A 71 -0.63 2.38 3.43
N TYR A 72 -0.23 2.09 2.19
CA TYR A 72 -0.64 0.86 1.53
C TYR A 72 -0.23 -0.37 2.33
N SER A 73 1.00 -0.36 2.84
CA SER A 73 1.52 -1.47 3.63
C SER A 73 0.72 -1.62 4.93
N GLU A 74 0.35 -0.50 5.52
CA GLU A 74 -0.41 -0.51 6.78
C GLU A 74 -1.76 -1.18 6.59
N VAL A 75 -2.30 -1.08 5.37
CA VAL A 75 -3.59 -1.68 5.05
C VAL A 75 -3.49 -3.20 5.02
N SER A 76 -2.47 -3.72 4.34
CA SER A 76 -2.26 -5.15 4.23
C SER A 76 -2.01 -5.77 5.60
N GLN A 77 -1.39 -5.00 6.48
CA GLN A 77 -1.08 -5.47 7.84
C GLN A 77 -2.35 -5.51 8.69
N ARG A 78 -3.31 -4.68 8.35
CA ARG A 78 -4.58 -4.62 9.07
C ARG A 78 -5.76 -4.86 8.14
N PRO A 79 -6.26 -6.11 8.07
CA PRO A 79 -7.40 -6.45 7.20
C PRO A 79 -8.66 -5.69 7.59
N GLU A 80 -8.76 -5.29 8.86
CA GLU A 80 -9.92 -4.56 9.34
C GLU A 80 -10.05 -3.22 8.63
N LEU A 81 -8.93 -2.68 8.20
CA LEU A 81 -8.91 -1.40 7.50
C LEU A 81 -9.60 -1.51 6.15
N VAL A 82 -9.39 -2.64 5.48
CA VAL A 82 -9.99 -2.88 4.17
C VAL A 82 -11.51 -2.93 4.27
N ALA A 83 -12.01 -3.51 5.36
CA ALA A 83 -13.44 -3.63 5.59
C ALA A 83 -14.07 -2.25 5.81
N GLN A 84 -13.27 -1.33 6.35
CA GLN A 84 -13.75 0.02 6.61
C GLN A 84 -13.81 0.84 5.33
N MET A 85 -13.05 0.41 4.33
CA MET A 85 -13.02 1.11 3.03
C MET A 85 -14.32 0.89 2.27
N THR A 86 -14.92 1.98 1.80
CA THR A 86 -16.16 1.90 1.04
C THR A 86 -15.93 1.15 -0.27
N PRO A 87 -17.01 0.81 -0.99
CA PRO A 87 -16.90 0.09 -2.26
C PRO A 87 -15.95 0.78 -3.24
N GLU A 88 -16.21 2.04 -3.53
CA GLU A 88 -15.37 2.80 -4.43
C GLU A 88 -13.95 2.88 -3.87
N GLU A 89 -13.87 3.04 -2.55
CA GLU A 89 -12.58 3.11 -1.88
C GLU A 89 -11.85 1.79 -1.99
N LYS A 90 -12.60 0.70 -1.98
CA LYS A 90 -12.02 -0.63 -2.09
C LYS A 90 -11.38 -0.81 -3.46
N GLU A 91 -11.99 -0.22 -4.47
CA GLU A 91 -11.48 -0.30 -5.83
C GLU A 91 -10.13 0.39 -5.94
N ALA A 92 -10.00 1.56 -5.35
CA ALA A 92 -8.75 2.31 -5.37
C ALA A 92 -7.63 1.49 -4.74
N TYR A 93 -8.00 0.65 -3.79
CA TYR A 93 -7.05 -0.22 -3.11
C TYR A 93 -6.54 -1.29 -4.05
N ILE A 94 -7.47 -1.90 -4.77
CA ILE A 94 -7.16 -2.95 -5.71
C ILE A 94 -6.59 -2.41 -7.01
N ALA A 95 -7.05 -1.23 -7.41
CA ALA A 95 -6.57 -0.61 -8.64
C ALA A 95 -5.08 -0.35 -8.59
N MET A 96 -4.58 0.01 -7.41
CA MET A 96 -3.16 0.28 -7.23
C MET A 96 -2.32 -0.94 -7.58
N GLY A 97 -2.85 -2.12 -7.28
CA GLY A 97 -2.13 -3.35 -7.57
C GLY A 97 -1.80 -3.50 -9.04
N GLN A 98 -2.77 -3.18 -9.89
CA GLN A 98 -2.59 -3.28 -11.33
C GLN A 98 -1.54 -2.27 -11.81
N ARG A 99 -1.54 -1.10 -11.19
CA ARG A 99 -0.59 -0.05 -11.55
C ARG A 99 0.85 -0.50 -11.31
N MET A 100 1.03 -1.36 -10.31
CA MET A 100 2.35 -1.88 -9.98
C MET A 100 3.00 -2.56 -11.17
N PHE A 101 2.17 -3.09 -12.05
CA PHE A 101 2.65 -3.78 -13.25
C PHE A 101 3.04 -2.78 -14.34
N GLU A 102 2.56 -1.55 -14.21
CA GLU A 102 2.87 -0.50 -15.18
C GLU A 102 4.25 0.10 -14.94
N ASP A 103 4.78 -0.11 -13.75
CA ASP A 103 6.10 0.41 -13.39
C ASP A 103 6.86 -0.59 -12.51
N LEU A 104 7.44 -1.60 -13.14
CA LEU A 104 8.20 -2.61 -12.42
C LEU A 104 9.35 -3.15 -13.27
N PHE A 105 10.44 -2.39 -13.33
CA PHE A 105 11.60 -2.79 -14.12
C PHE A 105 12.86 -2.84 -13.24
N GLU A 106 13.75 -3.77 -13.56
CA GLU A 106 14.98 -3.93 -12.80
C GLU A 106 16.15 -4.29 -13.72
N ASP A 47 22.26 -2.68 13.04
CA ASP A 47 23.66 -2.18 12.96
C ASP A 47 24.24 -2.41 11.57
N GLU A 48 23.89 -1.53 10.63
CA GLU A 48 24.38 -1.65 9.27
C GLU A 48 25.36 -0.52 8.95
N GLU A 49 26.35 -0.83 8.12
CA GLU A 49 27.35 0.17 7.73
C GLU A 49 27.25 0.49 6.25
N GLU A 50 27.32 1.77 5.91
CA GLU A 50 27.24 2.21 4.52
C GLU A 50 28.48 3.02 4.13
N ASP A 51 28.96 2.79 2.92
CA ASP A 51 30.14 3.49 2.42
C ASP A 51 29.90 4.02 1.00
N ASP A 52 28.65 4.28 0.68
CA ASP A 52 28.29 4.80 -0.63
C ASP A 52 26.93 5.50 -0.60
N GLU A 53 26.66 6.31 -1.61
CA GLU A 53 25.39 7.03 -1.71
C GLU A 53 24.30 6.14 -2.28
N PHE A 54 23.22 5.96 -1.52
CA PHE A 54 22.10 5.14 -1.95
C PHE A 54 20.89 6.00 -2.31
N GLU A 55 20.30 5.73 -3.47
CA GLU A 55 19.13 6.48 -3.92
C GLU A 55 17.88 5.60 -3.90
N GLU A 56 16.74 6.23 -3.66
CA GLU A 56 15.47 5.51 -3.62
C GLU A 56 14.56 5.93 -4.77
N VAL A 57 13.64 5.05 -5.13
CA VAL A 57 12.72 5.32 -6.24
C VAL A 57 11.31 5.59 -5.70
N ALA A 58 11.09 6.82 -5.23
CA ALA A 58 9.79 7.21 -4.71
C ALA A 58 9.37 6.31 -3.54
N ASP A 59 8.38 6.75 -2.78
CA ASP A 59 7.89 5.99 -1.64
C ASP A 59 6.58 5.28 -1.99
N ASP A 60 6.11 4.45 -1.07
CA ASP A 60 4.86 3.72 -1.28
C ASP A 60 3.69 4.67 -1.47
N PRO A 61 2.72 4.30 -2.32
CA PRO A 61 1.55 5.13 -2.59
C PRO A 61 0.60 5.20 -1.39
N ILE A 62 -0.27 6.20 -1.38
CA ILE A 62 -1.23 6.37 -0.29
C ILE A 62 -2.60 5.80 -0.67
N VAL A 63 -3.21 5.11 0.28
CA VAL A 63 -4.52 4.51 0.06
C VAL A 63 -5.58 5.18 0.95
N MET A 64 -6.73 5.48 0.37
CA MET A 64 -7.81 6.11 1.13
C MET A 64 -8.63 5.07 1.86
N VAL A 65 -8.57 5.11 3.19
CA VAL A 65 -9.31 4.17 4.02
C VAL A 65 -10.33 4.90 4.89
N ALA A 66 -11.60 4.58 4.69
CA ALA A 66 -12.68 5.21 5.46
C ALA A 66 -12.63 6.73 5.33
N GLY A 67 -12.02 7.22 4.26
CA GLY A 67 -11.93 8.65 4.04
C GLY A 67 -10.61 9.23 4.53
N ARG A 68 -9.86 8.46 5.32
CA ARG A 68 -8.59 8.92 5.84
C ARG A 68 -7.42 8.33 5.04
N PRO A 69 -6.32 9.09 4.92
CA PRO A 69 -5.13 8.64 4.17
C PRO A 69 -4.33 7.60 4.94
N PHE A 70 -3.90 6.56 4.23
CA PHE A 70 -3.11 5.49 4.85
C PHE A 70 -2.12 4.91 3.84
N SER A 71 -1.19 4.10 4.33
CA SER A 71 -0.20 3.48 3.48
C SER A 71 -0.70 2.15 2.93
N TYR A 72 -0.47 1.91 1.65
CA TYR A 72 -0.91 0.68 1.01
C TYR A 72 -0.41 -0.54 1.78
N SER A 73 0.84 -0.49 2.22
CA SER A 73 1.44 -1.58 2.97
C SER A 73 0.77 -1.73 4.34
N GLU A 74 0.37 -0.60 4.92
CA GLU A 74 -0.28 -0.60 6.23
C GLU A 74 -1.64 -1.27 6.16
N VAL A 75 -2.29 -1.15 5.01
CA VAL A 75 -3.61 -1.74 4.81
C VAL A 75 -3.53 -3.26 4.80
N SER A 76 -2.52 -3.79 4.12
CA SER A 76 -2.33 -5.23 4.04
C SER A 76 -2.05 -5.83 5.41
N GLN A 77 -1.43 -5.03 6.28
CA GLN A 77 -1.11 -5.48 7.63
C GLN A 77 -2.36 -5.52 8.49
N ARG A 78 -3.32 -4.68 8.17
CA ARG A 78 -4.58 -4.61 8.91
C ARG A 78 -5.77 -4.81 7.98
N PRO A 79 -6.25 -6.06 7.85
CA PRO A 79 -7.39 -6.38 6.99
C PRO A 79 -8.67 -5.68 7.43
N GLU A 80 -8.73 -5.31 8.71
CA GLU A 80 -9.90 -4.63 9.25
C GLU A 80 -10.12 -3.29 8.57
N LEU A 81 -9.04 -2.69 8.11
CA LEU A 81 -9.10 -1.41 7.43
C LEU A 81 -9.84 -1.52 6.11
N VAL A 82 -9.64 -2.66 5.44
CA VAL A 82 -10.29 -2.91 4.16
C VAL A 82 -11.81 -2.95 4.32
N ALA A 83 -12.26 -3.49 5.44
CA ALA A 83 -13.68 -3.59 5.71
C ALA A 83 -14.31 -2.21 5.85
N GLN A 84 -13.51 -1.25 6.29
CA GLN A 84 -13.97 0.12 6.46
C GLN A 84 -13.96 0.87 5.14
N MET A 85 -13.19 0.36 4.18
CA MET A 85 -13.09 0.99 2.86
C MET A 85 -14.39 0.82 2.08
N THR A 86 -14.95 1.94 1.64
CA THR A 86 -16.19 1.91 0.86
C THR A 86 -15.96 1.18 -0.46
N PRO A 87 -17.04 0.90 -1.21
CA PRO A 87 -16.93 0.19 -2.50
C PRO A 87 -15.95 0.88 -3.44
N GLU A 88 -16.20 2.15 -3.72
CA GLU A 88 -15.32 2.92 -4.61
C GLU A 88 -13.92 2.96 -4.02
N GLU A 89 -13.83 3.12 -2.70
CA GLU A 89 -12.56 3.16 -2.02
C GLU A 89 -11.86 1.81 -2.12
N LYS A 90 -12.65 0.74 -2.13
CA LYS A 90 -12.10 -0.61 -2.25
C LYS A 90 -11.42 -0.79 -3.60
N GLU A 91 -12.00 -0.19 -4.62
CA GLU A 91 -11.46 -0.27 -5.97
C GLU A 91 -10.10 0.41 -6.04
N ALA A 92 -10.01 1.60 -5.47
CA ALA A 92 -8.75 2.35 -5.47
C ALA A 92 -7.65 1.53 -4.82
N TYR A 93 -8.03 0.68 -3.88
CA TYR A 93 -7.09 -0.18 -3.18
C TYR A 93 -6.55 -1.23 -4.12
N ILE A 94 -7.47 -1.88 -4.83
CA ILE A 94 -7.12 -2.93 -5.77
C ILE A 94 -6.50 -2.35 -7.04
N ALA A 95 -6.95 -1.17 -7.44
CA ALA A 95 -6.44 -0.52 -8.64
C ALA A 95 -4.94 -0.25 -8.52
N MET A 96 -4.53 0.25 -7.36
CA MET A 96 -3.13 0.56 -7.12
C MET A 96 -2.27 -0.69 -7.18
N GLY A 97 -2.82 -1.80 -6.68
CA GLY A 97 -2.09 -3.05 -6.69
C GLY A 97 -1.70 -3.49 -8.09
N GLN A 98 -2.60 -3.30 -9.05
CA GLN A 98 -2.34 -3.67 -10.43
C GLN A 98 -1.15 -2.91 -10.99
N ARG A 99 -1.07 -1.62 -10.66
CA ARG A 99 0.03 -0.78 -11.12
C ARG A 99 1.36 -1.25 -10.57
N MET A 100 1.35 -1.68 -9.31
CA MET A 100 2.57 -2.16 -8.66
C MET A 100 3.13 -3.38 -9.38
N PHE A 101 2.26 -4.14 -10.02
CA PHE A 101 2.66 -5.34 -10.74
C PHE A 101 2.77 -5.05 -12.24
N GLU A 102 3.00 -3.78 -12.59
CA GLU A 102 3.11 -3.39 -13.99
C GLU A 102 4.51 -3.71 -14.53
N ASP A 103 5.48 -3.80 -13.63
CA ASP A 103 6.86 -4.11 -14.02
C ASP A 103 7.66 -4.64 -12.84
N LEU A 104 7.59 -5.95 -12.64
CA LEU A 104 8.32 -6.59 -11.54
C LEU A 104 8.85 -7.96 -11.96
N PHE A 105 9.97 -7.96 -12.68
CA PHE A 105 10.58 -9.19 -13.14
C PHE A 105 11.93 -9.43 -12.47
N GLU A 106 12.20 -10.67 -12.09
CA GLU A 106 13.46 -11.01 -11.43
C GLU A 106 13.79 -12.49 -11.65
N ASP A 47 29.12 -24.17 8.72
CA ASP A 47 28.90 -23.09 9.72
C ASP A 47 27.96 -22.02 9.17
N GLU A 48 27.34 -21.27 10.07
CA GLU A 48 26.42 -20.21 9.68
C GLU A 48 27.02 -18.84 9.94
N GLU A 49 26.67 -17.88 9.08
CA GLU A 49 27.19 -16.52 9.22
C GLU A 49 26.22 -15.50 8.61
N GLU A 50 26.13 -15.48 7.29
CA GLU A 50 25.24 -14.58 6.59
C GLU A 50 24.85 -15.12 5.22
N ASP A 51 24.33 -16.35 5.21
CA ASP A 51 23.92 -16.98 3.97
C ASP A 51 22.42 -16.80 3.73
N ASP A 52 21.83 -15.79 4.37
CA ASP A 52 20.41 -15.52 4.21
C ASP A 52 20.19 -14.30 3.31
N GLU A 53 19.03 -14.26 2.67
CA GLU A 53 18.69 -13.16 1.77
C GLU A 53 18.22 -11.94 2.57
N PHE A 54 18.45 -10.75 2.01
CA PHE A 54 18.05 -9.52 2.66
C PHE A 54 17.06 -8.73 1.80
N GLU A 55 16.21 -7.95 2.45
CA GLU A 55 15.22 -7.15 1.74
C GLU A 55 15.30 -5.69 2.16
N GLU A 56 14.83 -4.80 1.28
CA GLU A 56 14.85 -3.36 1.56
C GLU A 56 13.44 -2.84 1.81
N VAL A 57 13.34 -1.74 2.53
CA VAL A 57 12.05 -1.14 2.84
C VAL A 57 11.87 0.19 2.13
N ALA A 58 10.70 0.42 1.55
CA ALA A 58 10.42 1.65 0.84
C ALA A 58 9.02 2.16 1.18
N ASP A 59 8.81 3.46 0.97
CA ASP A 59 7.52 4.08 1.25
C ASP A 59 6.53 3.83 0.12
N ASP A 60 5.46 3.10 0.44
CA ASP A 60 4.44 2.78 -0.55
C ASP A 60 3.48 3.95 -0.74
N PRO A 61 2.71 3.94 -1.84
CA PRO A 61 1.76 5.02 -2.13
C PRO A 61 0.63 5.10 -1.11
N ILE A 62 0.03 6.27 -0.97
CA ILE A 62 -1.04 6.48 -0.02
C ILE A 62 -2.35 5.88 -0.54
N VAL A 63 -3.16 5.35 0.38
CA VAL A 63 -4.43 4.74 0.03
C VAL A 63 -5.57 5.37 0.83
N MET A 64 -6.71 5.56 0.19
CA MET A 64 -7.87 6.16 0.86
C MET A 64 -8.64 5.11 1.65
N VAL A 65 -8.64 5.26 2.97
CA VAL A 65 -9.34 4.33 3.84
C VAL A 65 -10.47 5.03 4.59
N ALA A 66 -11.70 4.67 4.25
CA ALA A 66 -12.87 5.28 4.89
C ALA A 66 -12.84 6.79 4.78
N GLY A 67 -12.12 7.31 3.79
CA GLY A 67 -12.03 8.75 3.60
C GLY A 67 -10.73 9.32 4.12
N ARG A 68 -10.05 8.58 5.00
CA ARG A 68 -8.79 9.03 5.56
C ARG A 68 -7.60 8.39 4.84
N PRO A 69 -6.49 9.14 4.69
CA PRO A 69 -5.28 8.64 4.02
C PRO A 69 -4.50 7.65 4.88
N PHE A 70 -4.06 6.56 4.27
CA PHE A 70 -3.30 5.53 4.98
C PHE A 70 -2.28 4.89 4.05
N SER A 71 -1.22 4.34 4.63
CA SER A 71 -0.17 3.68 3.85
C SER A 71 -0.65 2.31 3.37
N TYR A 72 -0.36 1.99 2.11
CA TYR A 72 -0.75 0.71 1.53
C TYR A 72 -0.25 -0.45 2.38
N SER A 73 0.94 -0.27 2.96
CA SER A 73 1.54 -1.31 3.79
C SER A 73 0.69 -1.58 5.03
N GLU A 74 0.12 -0.51 5.60
CA GLU A 74 -0.72 -0.63 6.79
C GLU A 74 -2.03 -1.33 6.46
N VAL A 75 -2.49 -1.16 5.23
CA VAL A 75 -3.74 -1.77 4.78
C VAL A 75 -3.60 -3.28 4.69
N SER A 76 -2.55 -3.74 4.02
CA SER A 76 -2.31 -5.17 3.86
C SER A 76 -1.98 -5.82 5.20
N GLN A 77 -1.41 -5.05 6.10
CA GLN A 77 -1.04 -5.54 7.42
C GLN A 77 -2.25 -5.52 8.37
N ARG A 78 -3.22 -4.66 8.06
CA ARG A 78 -4.42 -4.56 8.87
C ARG A 78 -5.68 -4.79 8.03
N PRO A 79 -6.06 -6.06 7.85
CA PRO A 79 -7.25 -6.42 7.06
C PRO A 79 -8.49 -5.65 7.51
N GLU A 80 -8.50 -5.23 8.76
CA GLU A 80 -9.63 -4.48 9.31
C GLU A 80 -9.84 -3.18 8.55
N LEU A 81 -8.74 -2.58 8.13
CA LEU A 81 -8.79 -1.33 7.39
C LEU A 81 -9.55 -1.50 6.09
N VAL A 82 -9.31 -2.62 5.41
CA VAL A 82 -9.99 -2.91 4.16
C VAL A 82 -11.49 -3.00 4.35
N ALA A 83 -11.90 -3.55 5.49
CA ALA A 83 -13.32 -3.70 5.79
C ALA A 83 -13.98 -2.34 5.96
N GLN A 84 -13.21 -1.36 6.40
CA GLN A 84 -13.70 -0.01 6.60
C GLN A 84 -13.73 0.77 5.28
N MET A 85 -13.01 0.27 4.29
CA MET A 85 -12.95 0.91 2.98
C MET A 85 -14.27 0.75 2.22
N THR A 86 -14.82 1.86 1.76
CA THR A 86 -16.07 1.83 1.02
C THR A 86 -15.86 1.14 -0.33
N PRO A 87 -16.95 0.78 -1.03
CA PRO A 87 -16.87 0.10 -2.33
C PRO A 87 -15.93 0.81 -3.29
N GLU A 88 -16.20 2.09 -3.54
CA GLU A 88 -15.37 2.88 -4.44
C GLU A 88 -13.94 2.93 -3.91
N GLU A 89 -13.82 3.08 -2.59
CA GLU A 89 -12.51 3.12 -1.95
C GLU A 89 -11.80 1.78 -2.10
N LYS A 90 -12.58 0.70 -2.10
CA LYS A 90 -12.02 -0.64 -2.24
C LYS A 90 -11.38 -0.78 -3.62
N GLU A 91 -12.01 -0.17 -4.62
CA GLU A 91 -11.51 -0.23 -6.00
C GLU A 91 -10.15 0.46 -6.09
N ALA A 92 -10.06 1.65 -5.50
CA ALA A 92 -8.81 2.41 -5.52
C ALA A 92 -7.68 1.59 -4.91
N TYR A 93 -8.04 0.73 -3.96
CA TYR A 93 -7.08 -0.13 -3.30
C TYR A 93 -6.55 -1.18 -4.26
N ILE A 94 -7.48 -1.81 -4.96
CA ILE A 94 -7.16 -2.85 -5.92
C ILE A 94 -6.57 -2.26 -7.21
N ALA A 95 -7.04 -1.08 -7.58
CA ALA A 95 -6.56 -0.41 -8.78
C ALA A 95 -5.06 -0.14 -8.70
N MET A 96 -4.61 0.33 -7.55
CA MET A 96 -3.20 0.63 -7.34
C MET A 96 -2.36 -0.63 -7.47
N GLY A 97 -2.88 -1.76 -6.98
CA GLY A 97 -2.16 -3.01 -7.06
C GLY A 97 -1.86 -3.42 -8.49
N GLN A 98 -2.82 -3.20 -9.38
CA GLN A 98 -2.65 -3.54 -10.79
C GLN A 98 -1.46 -2.80 -11.39
N ARG A 99 -1.30 -1.54 -11.00
CA ARG A 99 -0.20 -0.73 -11.50
C ARG A 99 1.15 -1.32 -11.13
N MET A 100 1.21 -1.93 -9.95
CA MET A 100 2.45 -2.54 -9.47
C MET A 100 2.92 -3.64 -10.42
N PHE A 101 1.98 -4.24 -11.13
CA PHE A 101 2.29 -5.30 -12.08
C PHE A 101 2.77 -4.73 -13.41
N GLU A 102 2.79 -3.40 -13.52
CA GLU A 102 3.24 -2.74 -14.75
C GLU A 102 4.76 -2.70 -14.83
N ASP A 103 5.41 -2.76 -13.67
CA ASP A 103 6.87 -2.73 -13.61
C ASP A 103 7.38 -3.51 -12.41
N LEU A 104 7.47 -4.82 -12.56
CA LEU A 104 7.96 -5.68 -11.48
C LEU A 104 8.49 -7.00 -12.03
N PHE A 105 9.77 -6.99 -12.41
CA PHE A 105 10.41 -8.19 -12.97
C PHE A 105 11.72 -8.48 -12.25
N GLU A 106 12.20 -9.71 -12.39
CA GLU A 106 13.45 -10.13 -11.76
C GLU A 106 14.33 -10.88 -12.74
N ASP A 47 33.09 12.91 5.73
CA ASP A 47 34.57 13.05 5.72
C ASP A 47 35.20 12.13 4.68
N GLU A 48 35.21 10.83 4.98
CA GLU A 48 35.78 9.84 4.07
C GLU A 48 34.68 8.95 3.48
N GLU A 49 34.90 8.51 2.25
CA GLU A 49 33.93 7.65 1.58
C GLU A 49 34.36 6.18 1.65
N GLU A 50 35.10 5.84 2.69
CA GLU A 50 35.57 4.47 2.87
C GLU A 50 34.69 3.70 3.85
N ASP A 51 34.59 4.21 5.07
CA ASP A 51 33.78 3.58 6.10
C ASP A 51 32.47 4.34 6.31
N ASP A 52 32.05 5.09 5.30
CA ASP A 52 30.82 5.87 5.39
C ASP A 52 29.63 5.05 4.88
N GLU A 53 28.67 4.82 5.77
CA GLU A 53 27.47 4.06 5.41
C GLU A 53 26.33 4.99 5.04
N PHE A 54 25.46 4.51 4.15
CA PHE A 54 24.31 5.29 3.70
C PHE A 54 23.01 4.50 3.83
N GLU A 55 21.89 5.22 3.91
CA GLU A 55 20.59 4.57 4.03
C GLU A 55 19.65 5.03 2.92
N GLU A 56 18.89 4.09 2.37
CA GLU A 56 17.95 4.41 1.30
C GLU A 56 16.58 3.82 1.59
N VAL A 57 15.54 4.64 1.43
CA VAL A 57 14.17 4.20 1.68
C VAL A 57 13.23 4.70 0.59
N ALA A 58 12.25 3.87 0.23
CA ALA A 58 11.28 4.23 -0.80
C ALA A 58 9.98 4.69 -0.17
N ASP A 59 9.37 5.71 -0.78
CA ASP A 59 8.11 6.25 -0.28
C ASP A 59 6.92 5.42 -0.77
N ASP A 60 6.25 4.75 0.16
CA ASP A 60 5.10 3.92 -0.18
C ASP A 60 3.90 4.78 -0.57
N PRO A 61 3.06 4.28 -1.50
CA PRO A 61 1.87 5.01 -1.95
C PRO A 61 0.82 5.13 -0.87
N ILE A 62 -0.02 6.15 -0.98
CA ILE A 62 -1.08 6.39 0.00
C ILE A 62 -2.41 5.81 -0.49
N VAL A 63 -3.23 5.37 0.45
CA VAL A 63 -4.54 4.80 0.13
C VAL A 63 -5.62 5.40 1.02
N MET A 64 -6.80 5.63 0.45
CA MET A 64 -7.91 6.20 1.20
C MET A 64 -8.70 5.10 1.92
N VAL A 65 -8.66 5.12 3.25
CA VAL A 65 -9.38 4.14 4.04
C VAL A 65 -10.51 4.79 4.83
N ALA A 66 -11.74 4.36 4.56
CA ALA A 66 -12.92 4.90 5.24
C ALA A 66 -12.98 6.42 5.09
N GLY A 67 -12.34 6.96 4.05
CA GLY A 67 -12.35 8.39 3.84
C GLY A 67 -11.18 9.10 4.49
N ARG A 68 -10.13 8.34 4.82
CA ARG A 68 -8.95 8.90 5.45
C ARG A 68 -7.67 8.34 4.83
N PRO A 69 -6.60 9.15 4.75
CA PRO A 69 -5.32 8.72 4.17
C PRO A 69 -4.65 7.64 5.00
N PHE A 70 -4.14 6.61 4.33
CA PHE A 70 -3.46 5.51 5.00
C PHE A 70 -2.38 4.92 4.09
N SER A 71 -1.39 4.28 4.70
CA SER A 71 -0.31 3.66 3.93
C SER A 71 -0.78 2.35 3.30
N TYR A 72 -0.46 2.17 2.02
CA TYR A 72 -0.86 0.97 1.30
C TYR A 72 -0.35 -0.28 2.01
N SER A 73 0.89 -0.22 2.49
CA SER A 73 1.49 -1.35 3.19
C SER A 73 0.75 -1.64 4.49
N GLU A 74 0.29 -0.59 5.15
CA GLU A 74 -0.45 -0.74 6.40
C GLU A 74 -1.79 -1.42 6.19
N VAL A 75 -2.34 -1.23 5.00
CA VAL A 75 -3.64 -1.82 4.66
C VAL A 75 -3.54 -3.34 4.58
N SER A 76 -2.52 -3.83 3.88
CA SER A 76 -2.30 -5.26 3.74
C SER A 76 -2.01 -5.91 5.08
N GLN A 77 -1.40 -5.14 5.98
CA GLN A 77 -1.06 -5.63 7.31
C GLN A 77 -2.28 -5.57 8.24
N ARG A 78 -3.20 -4.67 7.94
CA ARG A 78 -4.41 -4.51 8.74
C ARG A 78 -5.66 -4.70 7.88
N PRO A 79 -6.18 -5.94 7.79
CA PRO A 79 -7.37 -6.24 7.00
C PRO A 79 -8.60 -5.50 7.51
N GLU A 80 -8.58 -5.09 8.77
CA GLU A 80 -9.70 -4.37 9.36
C GLU A 80 -9.94 -3.04 8.64
N LEU A 81 -8.86 -2.47 8.11
CA LEU A 81 -8.96 -1.21 7.39
C LEU A 81 -9.72 -1.39 6.08
N VAL A 82 -9.50 -2.53 5.44
CA VAL A 82 -10.17 -2.84 4.17
C VAL A 82 -11.67 -2.96 4.38
N ALA A 83 -12.08 -3.50 5.52
CA ALA A 83 -13.48 -3.68 5.84
C ALA A 83 -14.17 -2.32 6.04
N GLN A 84 -13.38 -1.33 6.43
CA GLN A 84 -13.89 0.02 6.65
C GLN A 84 -13.79 0.87 5.40
N MET A 85 -13.24 0.30 4.33
CA MET A 85 -13.08 1.02 3.06
C MET A 85 -14.33 0.91 2.20
N THR A 86 -14.87 2.05 1.79
CA THR A 86 -16.06 2.08 0.95
C THR A 86 -15.80 1.37 -0.37
N PRO A 87 -16.85 0.94 -1.09
CA PRO A 87 -16.71 0.25 -2.37
C PRO A 87 -15.77 0.98 -3.32
N GLU A 88 -16.02 2.26 -3.54
CA GLU A 88 -15.18 3.06 -4.42
C GLU A 88 -13.75 3.09 -3.90
N GLU A 89 -13.62 3.25 -2.58
CA GLU A 89 -12.30 3.28 -1.94
C GLU A 89 -11.64 1.91 -2.08
N LYS A 90 -12.45 0.86 -2.06
CA LYS A 90 -11.94 -0.50 -2.19
C LYS A 90 -11.32 -0.69 -3.57
N GLU A 91 -11.94 -0.09 -4.57
CA GLU A 91 -11.45 -0.19 -5.94
C GLU A 91 -10.08 0.47 -6.07
N ALA A 92 -9.94 1.67 -5.51
CA ALA A 92 -8.68 2.40 -5.55
C ALA A 92 -7.57 1.56 -4.93
N TYR A 93 -7.94 0.74 -3.96
CA TYR A 93 -7.00 -0.13 -3.28
C TYR A 93 -6.50 -1.21 -4.23
N ILE A 94 -7.44 -1.84 -4.92
CA ILE A 94 -7.15 -2.90 -5.85
C ILE A 94 -6.55 -2.35 -7.15
N ALA A 95 -7.01 -1.17 -7.54
CA ALA A 95 -6.52 -0.54 -8.76
C ALA A 95 -5.01 -0.31 -8.71
N MET A 96 -4.54 0.15 -7.56
CA MET A 96 -3.11 0.41 -7.38
C MET A 96 -2.31 -0.88 -7.53
N GLY A 97 -2.85 -1.97 -7.02
CA GLY A 97 -2.17 -3.25 -7.11
C GLY A 97 -1.91 -3.68 -8.54
N GLN A 98 -2.85 -3.37 -9.43
CA GLN A 98 -2.72 -3.72 -10.84
C GLN A 98 -1.49 -3.06 -11.45
N ARG A 99 -1.21 -1.83 -11.03
CA ARG A 99 -0.07 -1.09 -11.53
C ARG A 99 1.23 -1.83 -11.23
N MET A 100 1.31 -2.40 -10.04
CA MET A 100 2.51 -3.13 -9.63
C MET A 100 2.74 -4.35 -10.52
N PHE A 101 1.66 -4.88 -11.06
CA PHE A 101 1.74 -6.04 -11.95
C PHE A 101 1.25 -5.69 -13.35
N GLU A 102 1.44 -4.45 -13.74
CA GLU A 102 1.03 -3.98 -15.06
C GLU A 102 2.03 -4.40 -16.14
N ASP A 103 3.27 -4.63 -15.72
CA ASP A 103 4.34 -5.04 -16.63
C ASP A 103 5.27 -6.03 -15.97
N LEU A 104 4.85 -7.29 -15.91
CA LEU A 104 5.66 -8.34 -15.30
C LEU A 104 5.23 -9.72 -15.79
N PHE A 105 5.80 -10.15 -16.92
CA PHE A 105 5.47 -11.45 -17.49
C PHE A 105 6.61 -12.45 -17.27
N GLU A 106 6.26 -13.64 -16.81
CA GLU A 106 7.25 -14.68 -16.56
C GLU A 106 7.39 -15.61 -17.77
N ASP A 47 27.28 13.31 15.12
CA ASP A 47 26.93 14.75 15.15
C ASP A 47 26.01 15.11 13.98
N GLU A 48 26.58 15.14 12.78
CA GLU A 48 25.81 15.47 11.59
C GLU A 48 25.52 14.22 10.77
N GLU A 49 24.36 14.21 10.10
CA GLU A 49 23.96 13.07 9.29
C GLU A 49 24.30 13.31 7.81
N GLU A 50 25.33 14.11 7.57
CA GLU A 50 25.75 14.41 6.20
C GLU A 50 26.57 13.26 5.62
N ASP A 51 27.38 12.63 6.46
CA ASP A 51 28.22 11.52 6.03
C ASP A 51 27.38 10.39 5.45
N ASP A 52 26.22 10.15 6.07
CA ASP A 52 25.32 9.09 5.63
C ASP A 52 24.41 9.59 4.51
N GLU A 53 24.61 9.05 3.31
CA GLU A 53 23.81 9.44 2.16
C GLU A 53 23.19 8.21 1.49
N PHE A 54 21.97 8.38 0.99
CA PHE A 54 21.27 7.28 0.33
C PHE A 54 21.22 7.50 -1.19
N GLU A 55 21.49 6.44 -1.94
CA GLU A 55 21.49 6.52 -3.40
C GLU A 55 20.07 6.44 -3.94
N GLU A 56 19.24 5.62 -3.31
CA GLU A 56 17.86 5.45 -3.72
C GLU A 56 16.90 5.63 -2.54
N VAL A 57 15.95 6.54 -2.69
CA VAL A 57 14.98 6.80 -1.63
C VAL A 57 13.56 6.86 -2.19
N ALA A 58 12.64 6.17 -1.53
CA ALA A 58 11.25 6.14 -1.96
C ALA A 58 10.30 5.91 -0.78
N ASP A 59 9.11 6.48 -0.87
CA ASP A 59 8.12 6.34 0.19
C ASP A 59 6.96 5.46 -0.26
N ASP A 60 6.32 4.80 0.69
CA ASP A 60 5.20 3.93 0.39
C ASP A 60 4.02 4.73 -0.14
N PRO A 61 3.22 4.15 -1.06
CA PRO A 61 2.06 4.81 -1.65
C PRO A 61 0.94 5.02 -0.63
N ILE A 62 0.15 6.06 -0.84
CA ILE A 62 -0.96 6.37 0.05
C ILE A 62 -2.27 5.79 -0.46
N VAL A 63 -3.11 5.34 0.47
CA VAL A 63 -4.40 4.76 0.11
C VAL A 63 -5.53 5.39 0.92
N MET A 64 -6.68 5.57 0.28
CA MET A 64 -7.83 6.16 0.95
C MET A 64 -8.65 5.09 1.67
N VAL A 65 -8.67 5.17 2.99
CA VAL A 65 -9.42 4.21 3.80
C VAL A 65 -10.53 4.90 4.59
N ALA A 66 -11.77 4.49 4.32
CA ALA A 66 -12.92 5.07 5.00
C ALA A 66 -12.90 6.59 4.93
N GLY A 67 -12.27 7.13 3.90
CA GLY A 67 -12.19 8.57 3.75
C GLY A 67 -10.99 9.18 4.45
N ARG A 68 -9.98 8.35 4.73
CA ARG A 68 -8.77 8.82 5.39
C ARG A 68 -7.53 8.23 4.73
N PRO A 69 -6.44 9.01 4.65
CA PRO A 69 -5.19 8.55 4.03
C PRO A 69 -4.44 7.55 4.90
N PHE A 70 -3.94 6.49 4.28
CA PHE A 70 -3.20 5.46 4.99
C PHE A 70 -2.17 4.80 4.07
N SER A 71 -1.12 4.26 4.66
CA SER A 71 -0.08 3.60 3.88
C SER A 71 -0.60 2.29 3.28
N TYR A 72 -0.29 2.06 2.01
CA TYR A 72 -0.73 0.85 1.33
C TYR A 72 -0.27 -0.40 2.08
N SER A 73 0.95 -0.37 2.60
CA SER A 73 1.50 -1.50 3.34
C SER A 73 0.70 -1.75 4.61
N GLU A 74 0.25 -0.68 5.25
CA GLU A 74 -0.52 -0.79 6.48
C GLU A 74 -1.87 -1.46 6.24
N VAL A 75 -2.40 -1.27 5.04
CA VAL A 75 -3.68 -1.86 4.68
C VAL A 75 -3.56 -3.37 4.49
N SER A 76 -2.55 -3.79 3.73
CA SER A 76 -2.32 -5.20 3.48
C SER A 76 -2.00 -5.95 4.77
N GLN A 77 -1.37 -5.25 5.69
CA GLN A 77 -1.01 -5.83 6.98
C GLN A 77 -2.19 -5.81 7.95
N ARG A 78 -3.10 -4.87 7.73
CA ARG A 78 -4.28 -4.74 8.57
C ARG A 78 -5.55 -4.71 7.72
N PRO A 79 -6.25 -5.86 7.63
CA PRO A 79 -7.49 -5.96 6.84
C PRO A 79 -8.63 -5.16 7.45
N GLU A 80 -8.48 -4.76 8.72
CA GLU A 80 -9.52 -3.99 9.40
C GLU A 80 -9.82 -2.70 8.66
N LEU A 81 -8.80 -2.14 8.04
CA LEU A 81 -8.95 -0.90 7.30
C LEU A 81 -9.71 -1.15 6.00
N VAL A 82 -9.51 -2.32 5.42
CA VAL A 82 -10.19 -2.70 4.19
C VAL A 82 -11.68 -2.86 4.43
N ALA A 83 -12.04 -3.33 5.63
CA ALA A 83 -13.43 -3.53 5.98
C ALA A 83 -14.16 -2.20 6.13
N GLN A 84 -13.40 -1.15 6.44
CA GLN A 84 -13.97 0.18 6.60
C GLN A 84 -13.96 0.95 5.28
N MET A 85 -13.22 0.44 4.30
CA MET A 85 -13.13 1.09 3.00
C MET A 85 -14.40 0.89 2.20
N THR A 86 -15.01 1.99 1.76
CA THR A 86 -16.23 1.94 0.96
C THR A 86 -15.97 1.18 -0.35
N PRO A 87 -17.03 0.65 -0.97
CA PRO A 87 -16.90 -0.10 -2.23
C PRO A 87 -16.00 0.61 -3.23
N GLU A 88 -16.32 1.86 -3.55
CA GLU A 88 -15.52 2.63 -4.49
C GLU A 88 -14.10 2.78 -3.95
N GLU A 89 -13.99 2.97 -2.65
CA GLU A 89 -12.69 3.12 -2.01
C GLU A 89 -11.91 1.80 -2.09
N LYS A 90 -12.64 0.69 -2.03
CA LYS A 90 -12.03 -0.63 -2.12
C LYS A 90 -11.39 -0.82 -3.48
N GLU A 91 -12.03 -0.27 -4.51
CA GLU A 91 -11.52 -0.37 -5.87
C GLU A 91 -10.18 0.34 -6.00
N ALA A 92 -10.09 1.55 -5.47
CA ALA A 92 -8.85 2.32 -5.51
C ALA A 92 -7.71 1.55 -4.88
N TYR A 93 -8.05 0.73 -3.90
CA TYR A 93 -7.08 -0.11 -3.21
C TYR A 93 -6.53 -1.18 -4.14
N ILE A 94 -7.46 -1.86 -4.81
CA ILE A 94 -7.12 -2.92 -5.73
C ILE A 94 -6.55 -2.37 -7.04
N ALA A 95 -7.03 -1.21 -7.44
CA ALA A 95 -6.57 -0.58 -8.68
C ALA A 95 -5.06 -0.33 -8.63
N MET A 96 -4.57 0.10 -7.47
CA MET A 96 -3.15 0.38 -7.29
C MET A 96 -2.33 -0.88 -7.48
N GLY A 97 -2.84 -2.00 -6.98
CA GLY A 97 -2.13 -3.26 -7.10
C GLY A 97 -1.84 -3.64 -8.54
N GLN A 98 -2.82 -3.39 -9.42
CA GLN A 98 -2.66 -3.71 -10.83
C GLN A 98 -1.50 -2.93 -11.44
N ARG A 99 -1.36 -1.68 -11.04
CA ARG A 99 -0.30 -0.82 -11.54
C ARG A 99 1.07 -1.35 -11.13
N MET A 100 1.14 -1.90 -9.91
CA MET A 100 2.40 -2.44 -9.40
C MET A 100 2.89 -3.60 -10.26
N PHE A 101 1.95 -4.28 -10.92
CA PHE A 101 2.28 -5.41 -11.77
C PHE A 101 1.77 -5.19 -13.19
N GLU A 102 1.73 -3.92 -13.61
CA GLU A 102 1.25 -3.57 -14.95
C GLU A 102 2.34 -3.80 -15.99
N ASP A 103 3.60 -3.77 -15.54
CA ASP A 103 4.73 -3.97 -16.45
C ASP A 103 5.85 -4.73 -15.75
N LEU A 104 5.71 -6.05 -15.66
CA LEU A 104 6.72 -6.88 -15.01
C LEU A 104 6.81 -8.25 -15.69
N PHE A 105 7.52 -8.29 -16.81
CA PHE A 105 7.69 -9.54 -17.56
C PHE A 105 9.16 -9.82 -17.82
N GLU A 106 9.49 -11.09 -18.03
CA GLU A 106 10.86 -11.50 -18.29
C GLU A 106 10.91 -12.83 -19.03
N ASP A 47 11.31 -3.36 28.67
CA ASP A 47 10.68 -2.03 28.43
C ASP A 47 10.03 -1.97 27.05
N GLU A 48 10.87 -2.00 26.01
CA GLU A 48 10.39 -1.94 24.64
C GLU A 48 10.47 -3.31 23.98
N GLU A 49 9.41 -3.68 23.27
CA GLU A 49 9.34 -4.97 22.59
C GLU A 49 9.24 -4.78 21.08
N GLU A 50 10.01 -5.57 20.33
CA GLU A 50 10.01 -5.49 18.88
C GLU A 50 10.06 -6.88 18.25
N ASP A 51 9.55 -6.99 17.03
CA ASP A 51 9.53 -8.27 16.33
C ASP A 51 10.12 -8.13 14.92
N ASP A 52 9.41 -7.38 14.08
CA ASP A 52 9.86 -7.16 12.71
C ASP A 52 10.93 -6.08 12.65
N GLU A 53 11.99 -6.35 11.89
CA GLU A 53 13.09 -5.41 11.74
C GLU A 53 13.42 -5.17 10.27
N PHE A 54 13.89 -3.97 9.95
CA PHE A 54 14.23 -3.62 8.58
C PHE A 54 15.56 -2.86 8.55
N GLU A 55 16.21 -2.89 7.38
CA GLU A 55 17.48 -2.20 7.21
C GLU A 55 17.30 -0.88 6.48
N GLU A 56 16.65 -0.94 5.31
CA GLU A 56 16.41 0.24 4.51
C GLU A 56 14.91 0.56 4.45
N VAL A 57 14.58 1.83 4.22
CA VAL A 57 13.19 2.26 4.13
C VAL A 57 12.83 2.65 2.71
N ALA A 58 11.71 2.11 2.23
CA ALA A 58 11.24 2.41 0.88
C ALA A 58 9.97 3.24 0.91
N ASP A 59 9.81 4.10 -0.09
CA ASP A 59 8.62 4.95 -0.18
C ASP A 59 7.43 4.18 -0.74
N ASP A 60 6.29 4.28 -0.08
CA ASP A 60 5.08 3.60 -0.51
C ASP A 60 3.96 4.59 -0.78
N PRO A 61 3.04 4.25 -1.71
CA PRO A 61 1.92 5.12 -2.07
C PRO A 61 0.88 5.20 -0.96
N ILE A 62 -0.01 6.19 -1.06
CA ILE A 62 -1.05 6.38 -0.06
C ILE A 62 -2.38 5.82 -0.55
N VAL A 63 -3.14 5.23 0.37
CA VAL A 63 -4.45 4.66 0.03
C VAL A 63 -5.55 5.32 0.86
N MET A 64 -6.69 5.57 0.22
CA MET A 64 -7.81 6.19 0.91
C MET A 64 -8.63 5.15 1.67
N VAL A 65 -8.62 5.26 2.99
CA VAL A 65 -9.36 4.34 3.84
C VAL A 65 -10.54 5.03 4.51
N ALA A 66 -11.75 4.72 4.04
CA ALA A 66 -12.96 5.33 4.60
C ALA A 66 -12.89 6.85 4.52
N GLY A 67 -12.08 7.37 3.61
CA GLY A 67 -11.95 8.81 3.46
C GLY A 67 -10.65 9.35 4.03
N ARG A 68 -10.03 8.59 4.93
CA ARG A 68 -8.78 9.01 5.55
C ARG A 68 -7.58 8.39 4.84
N PRO A 69 -6.46 9.13 4.76
CA PRO A 69 -5.25 8.64 4.10
C PRO A 69 -4.48 7.62 4.95
N PHE A 70 -4.03 6.55 4.30
CA PHE A 70 -3.28 5.50 4.99
C PHE A 70 -2.27 4.86 4.05
N SER A 71 -1.23 4.25 4.63
CA SER A 71 -0.20 3.61 3.83
C SER A 71 -0.72 2.29 3.24
N TYR A 72 -0.39 2.04 1.98
CA TYR A 72 -0.83 0.82 1.30
C TYR A 72 -0.37 -0.41 2.06
N SER A 73 0.88 -0.39 2.53
CA SER A 73 1.44 -1.51 3.27
C SER A 73 0.70 -1.72 4.59
N GLU A 74 0.32 -0.62 5.21
CA GLU A 74 -0.40 -0.68 6.49
C GLU A 74 -1.76 -1.34 6.32
N VAL A 75 -2.33 -1.20 5.14
CA VAL A 75 -3.64 -1.78 4.84
C VAL A 75 -3.56 -3.30 4.79
N SER A 76 -2.56 -3.82 4.08
CA SER A 76 -2.37 -5.26 3.96
C SER A 76 -2.08 -5.88 5.31
N GLN A 77 -1.43 -5.12 6.18
CA GLN A 77 -1.10 -5.59 7.52
C GLN A 77 -2.33 -5.64 8.41
N ARG A 78 -3.31 -4.79 8.11
CA ARG A 78 -4.54 -4.73 8.88
C ARG A 78 -5.76 -4.92 7.97
N PRO A 79 -6.14 -6.19 7.71
CA PRO A 79 -7.28 -6.51 6.85
C PRO A 79 -8.54 -5.77 7.28
N GLU A 80 -8.62 -5.42 8.55
CA GLU A 80 -9.78 -4.71 9.08
C GLU A 80 -9.93 -3.35 8.42
N LEU A 81 -8.81 -2.78 7.99
CA LEU A 81 -8.82 -1.47 7.34
C LEU A 81 -9.53 -1.55 5.99
N VAL A 82 -9.35 -2.67 5.30
CA VAL A 82 -9.99 -2.87 3.99
C VAL A 82 -11.50 -2.89 4.13
N ALA A 83 -11.99 -3.50 5.21
CA ALA A 83 -13.42 -3.58 5.45
C ALA A 83 -14.02 -2.20 5.71
N GLN A 84 -13.22 -1.32 6.28
CA GLN A 84 -13.66 0.04 6.58
C GLN A 84 -13.74 0.88 5.31
N MET A 85 -12.99 0.48 4.29
CA MET A 85 -12.98 1.19 3.02
C MET A 85 -14.28 0.96 2.25
N THR A 86 -14.91 2.04 1.81
CA THR A 86 -16.14 1.95 1.05
C THR A 86 -15.91 1.23 -0.27
N PRO A 87 -16.98 0.89 -1.00
CA PRO A 87 -16.87 0.19 -2.29
C PRO A 87 -15.90 0.89 -3.24
N GLU A 88 -16.14 2.17 -3.51
CA GLU A 88 -15.27 2.93 -4.40
C GLU A 88 -13.86 2.94 -3.85
N GLU A 89 -13.74 3.10 -2.53
CA GLU A 89 -12.44 3.11 -1.88
C GLU A 89 -11.77 1.75 -2.02
N LYS A 90 -12.57 0.69 -2.00
CA LYS A 90 -12.05 -0.66 -2.14
C LYS A 90 -11.42 -0.85 -3.51
N GLU A 91 -12.03 -0.22 -4.52
CA GLU A 91 -11.52 -0.31 -5.89
C GLU A 91 -10.15 0.35 -5.99
N ALA A 92 -10.01 1.53 -5.38
CA ALA A 92 -8.75 2.25 -5.42
C ALA A 92 -7.63 1.41 -4.81
N TYR A 93 -8.02 0.57 -3.86
CA TYR A 93 -7.08 -0.32 -3.19
C TYR A 93 -6.59 -1.39 -4.15
N ILE A 94 -7.54 -1.99 -4.86
CA ILE A 94 -7.24 -3.04 -5.81
C ILE A 94 -6.66 -2.48 -7.10
N ALA A 95 -7.10 -1.29 -7.49
CA ALA A 95 -6.61 -0.66 -8.70
C ALA A 95 -5.13 -0.33 -8.61
N MET A 96 -4.72 0.19 -7.45
CA MET A 96 -3.32 0.55 -7.23
C MET A 96 -2.42 -0.68 -7.31
N GLY A 97 -2.89 -1.79 -6.74
CA GLY A 97 -2.12 -3.02 -6.76
C GLY A 97 -1.82 -3.49 -8.16
N GLN A 98 -2.83 -3.42 -9.03
CA GLN A 98 -2.68 -3.86 -10.41
C GLN A 98 -1.63 -3.02 -11.14
N ARG A 99 -1.53 -1.75 -10.76
CA ARG A 99 -0.57 -0.83 -11.37
C ARG A 99 0.84 -1.12 -10.85
N MET A 100 0.94 -1.64 -9.64
CA MET A 100 2.23 -1.96 -9.04
C MET A 100 3.01 -2.96 -9.89
N PHE A 101 2.27 -3.75 -10.66
CA PHE A 101 2.88 -4.76 -11.51
C PHE A 101 2.28 -4.74 -12.92
N GLU A 102 1.78 -3.57 -13.33
CA GLU A 102 1.18 -3.42 -14.65
C GLU A 102 2.25 -3.26 -15.72
N ASP A 103 3.41 -2.75 -15.32
CA ASP A 103 4.51 -2.54 -16.26
C ASP A 103 5.84 -2.43 -15.52
N LEU A 104 6.48 -3.56 -15.27
CA LEU A 104 7.76 -3.59 -14.58
C LEU A 104 8.68 -4.66 -15.15
N PHE A 105 9.31 -4.36 -16.27
CA PHE A 105 10.21 -5.31 -16.93
C PHE A 105 11.59 -4.68 -17.15
N GLU A 106 12.61 -5.53 -17.22
CA GLU A 106 13.97 -5.06 -17.43
C GLU A 106 14.85 -6.19 -17.97
N ASP A 47 17.86 -18.61 20.92
CA ASP A 47 16.53 -17.97 20.96
C ASP A 47 16.62 -16.47 20.73
N GLU A 48 15.80 -15.97 19.81
CA GLU A 48 15.79 -14.54 19.48
C GLU A 48 14.52 -13.87 20.01
N GLU A 49 14.63 -12.60 20.33
CA GLU A 49 13.50 -11.83 20.85
C GLU A 49 13.04 -10.79 19.84
N GLU A 50 11.75 -10.47 19.85
CA GLU A 50 11.19 -9.49 18.94
C GLU A 50 10.64 -8.29 19.70
N ASP A 51 11.45 -7.75 20.61
CA ASP A 51 11.06 -6.60 21.41
C ASP A 51 11.60 -5.29 20.81
N ASP A 52 11.84 -5.31 19.50
CA ASP A 52 12.37 -4.13 18.82
C ASP A 52 11.62 -3.90 17.50
N GLU A 53 11.71 -2.68 16.99
CA GLU A 53 11.04 -2.33 15.73
C GLU A 53 12.07 -2.05 14.64
N PHE A 54 11.78 -2.51 13.43
CA PHE A 54 12.67 -2.31 12.30
C PHE A 54 12.00 -1.48 11.22
N GLU A 55 12.77 -0.60 10.57
CA GLU A 55 12.24 0.24 9.51
C GLU A 55 12.97 0.00 8.20
N GLU A 56 12.24 0.04 7.09
CA GLU A 56 12.81 -0.18 5.78
C GLU A 56 12.63 1.04 4.89
N VAL A 57 13.60 1.30 4.03
CA VAL A 57 13.54 2.44 3.13
C VAL A 57 12.94 2.06 1.79
N ALA A 58 11.81 2.67 1.45
CA ALA A 58 11.13 2.38 0.18
C ALA A 58 9.93 3.30 0.00
N ASP A 59 9.60 3.59 -1.26
CA ASP A 59 8.47 4.45 -1.58
C ASP A 59 7.21 3.62 -1.85
N ASP A 60 6.20 3.82 -1.02
CA ASP A 60 4.94 3.10 -1.16
C ASP A 60 3.79 4.06 -1.47
N PRO A 61 2.80 3.62 -2.27
CA PRO A 61 1.65 4.44 -2.63
C PRO A 61 0.69 4.64 -1.46
N ILE A 62 -0.13 5.68 -1.55
CA ILE A 62 -1.10 5.98 -0.50
C ILE A 62 -2.48 5.47 -0.87
N VAL A 63 -3.19 4.94 0.13
CA VAL A 63 -4.53 4.40 -0.08
C VAL A 63 -5.54 5.14 0.80
N MET A 64 -6.73 5.36 0.28
CA MET A 64 -7.78 6.04 1.03
C MET A 64 -8.61 5.04 1.84
N VAL A 65 -8.51 5.15 3.16
CA VAL A 65 -9.25 4.25 4.05
C VAL A 65 -10.28 5.03 4.86
N ALA A 66 -11.53 4.60 4.79
CA ALA A 66 -12.62 5.26 5.52
C ALA A 66 -12.68 6.75 5.20
N GLY A 67 -12.18 7.12 4.03
CA GLY A 67 -12.19 8.51 3.62
C GLY A 67 -10.98 9.29 4.13
N ARG A 68 -9.91 8.56 4.48
CA ARG A 68 -8.70 9.20 4.98
C ARG A 68 -7.46 8.54 4.36
N PRO A 69 -6.33 9.28 4.29
CA PRO A 69 -5.09 8.77 3.71
C PRO A 69 -4.44 7.71 4.60
N PHE A 70 -3.99 6.63 3.96
CA PHE A 70 -3.34 5.53 4.67
C PHE A 70 -2.32 4.84 3.77
N SER A 71 -1.34 4.19 4.38
CA SER A 71 -0.31 3.50 3.63
C SER A 71 -0.82 2.14 3.16
N TYR A 72 -0.56 1.81 1.90
CA TYR A 72 -0.99 0.54 1.33
C TYR A 72 -0.48 -0.64 2.15
N SER A 73 0.77 -0.52 2.61
CA SER A 73 1.38 -1.58 3.41
C SER A 73 0.64 -1.76 4.73
N GLU A 74 0.21 -0.64 5.32
CA GLU A 74 -0.51 -0.68 6.59
C GLU A 74 -1.86 -1.36 6.43
N VAL A 75 -2.44 -1.25 5.25
CA VAL A 75 -3.74 -1.84 4.96
C VAL A 75 -3.66 -3.37 4.99
N SER A 76 -2.65 -3.91 4.30
CA SER A 76 -2.46 -5.35 4.24
C SER A 76 -2.17 -5.93 5.63
N GLN A 77 -1.52 -5.12 6.46
CA GLN A 77 -1.19 -5.53 7.82
C GLN A 77 -2.42 -5.54 8.70
N ARG A 78 -3.40 -4.70 8.35
CA ARG A 78 -4.63 -4.60 9.11
C ARG A 78 -5.84 -4.85 8.22
N PRO A 79 -6.35 -6.09 8.18
CA PRO A 79 -7.51 -6.45 7.35
C PRO A 79 -8.76 -5.66 7.74
N GLU A 80 -8.81 -5.22 8.99
CA GLU A 80 -9.95 -4.46 9.49
C GLU A 80 -10.09 -3.14 8.73
N LEU A 81 -8.97 -2.63 8.24
CA LEU A 81 -8.96 -1.37 7.49
C LEU A 81 -9.69 -1.53 6.16
N VAL A 82 -9.47 -2.67 5.51
CA VAL A 82 -10.10 -2.94 4.23
C VAL A 82 -11.62 -3.01 4.38
N ALA A 83 -12.08 -3.54 5.51
CA ALA A 83 -13.51 -3.65 5.79
C ALA A 83 -14.14 -2.28 5.94
N GLN A 84 -13.34 -1.32 6.40
CA GLN A 84 -13.81 0.05 6.58
C GLN A 84 -13.82 0.81 5.27
N MET A 85 -13.07 0.32 4.30
CA MET A 85 -12.99 0.95 2.98
C MET A 85 -14.29 0.79 2.22
N THR A 86 -14.82 1.90 1.73
CA THR A 86 -16.07 1.88 0.96
C THR A 86 -15.84 1.19 -0.38
N PRO A 87 -16.92 0.94 -1.15
CA PRO A 87 -16.82 0.27 -2.45
C PRO A 87 -15.82 0.95 -3.37
N GLU A 88 -16.02 2.25 -3.61
CA GLU A 88 -15.11 3.01 -4.46
C GLU A 88 -13.70 2.97 -3.89
N GLU A 89 -13.61 3.09 -2.57
CA GLU A 89 -12.31 3.05 -1.90
C GLU A 89 -11.68 1.68 -2.07
N LYS A 90 -12.53 0.64 -2.09
CA LYS A 90 -12.06 -0.72 -2.26
C LYS A 90 -11.39 -0.89 -3.62
N GLU A 91 -11.97 -0.25 -4.63
CA GLU A 91 -11.44 -0.32 -5.99
C GLU A 91 -10.07 0.35 -6.06
N ALA A 92 -9.95 1.53 -5.43
CA ALA A 92 -8.68 2.25 -5.42
C ALA A 92 -7.58 1.40 -4.80
N TYR A 93 -7.98 0.53 -3.89
CA TYR A 93 -7.06 -0.37 -3.21
C TYR A 93 -6.55 -1.42 -4.19
N ILE A 94 -7.47 -2.00 -4.92
CA ILE A 94 -7.15 -3.03 -5.90
C ILE A 94 -6.55 -2.44 -7.17
N ALA A 95 -7.00 -1.24 -7.53
CA ALA A 95 -6.49 -0.58 -8.73
C ALA A 95 -5.02 -0.22 -8.59
N MET A 96 -4.66 0.36 -7.43
CA MET A 96 -3.28 0.75 -7.17
C MET A 96 -2.35 -0.45 -7.25
N GLY A 97 -2.84 -1.61 -6.80
CA GLY A 97 -2.04 -2.82 -6.83
C GLY A 97 -1.56 -3.17 -8.23
N GLN A 98 -2.46 -3.11 -9.19
CA GLN A 98 -2.13 -3.42 -10.57
C GLN A 98 -1.16 -2.38 -11.14
N ARG A 99 -1.34 -1.13 -10.75
CA ARG A 99 -0.48 -0.05 -11.23
C ARG A 99 0.97 -0.30 -10.84
N MET A 100 1.17 -0.86 -9.66
CA MET A 100 2.51 -1.15 -9.16
C MET A 100 3.25 -2.10 -10.10
N PHE A 101 2.49 -2.92 -10.81
CA PHE A 101 3.07 -3.88 -11.75
C PHE A 101 2.94 -3.38 -13.19
N GLU A 102 2.86 -2.06 -13.35
CA GLU A 102 2.73 -1.46 -14.67
C GLU A 102 4.08 -1.38 -15.37
N ASP A 103 5.16 -1.40 -14.58
CA ASP A 103 6.51 -1.34 -15.13
C ASP A 103 7.46 -2.22 -14.33
N LEU A 104 7.43 -3.51 -14.60
CA LEU A 104 8.29 -4.47 -13.91
C LEU A 104 8.76 -5.57 -14.86
N PHE A 105 9.78 -5.25 -15.66
CA PHE A 105 10.32 -6.22 -16.61
C PHE A 105 11.84 -6.24 -16.56
N GLU A 106 12.43 -7.31 -17.09
CA GLU A 106 13.88 -7.45 -17.10
C GLU A 106 14.50 -6.72 -18.29
N ASP A 47 10.46 -16.47 30.16
CA ASP A 47 9.94 -17.20 28.96
C ASP A 47 9.60 -16.23 27.83
N GLU A 48 10.51 -16.15 26.86
CA GLU A 48 10.32 -15.26 25.71
C GLU A 48 10.06 -16.07 24.44
N GLU A 49 9.36 -15.45 23.49
CA GLU A 49 9.05 -16.11 22.23
C GLU A 49 9.99 -15.65 21.13
N GLU A 50 10.43 -16.59 20.29
CA GLU A 50 11.33 -16.27 19.20
C GLU A 50 10.57 -15.68 18.02
N ASP A 51 11.17 -14.69 17.37
CA ASP A 51 10.55 -14.04 16.22
C ASP A 51 11.55 -13.15 15.48
N ASP A 52 12.16 -13.70 14.44
CA ASP A 52 13.15 -12.97 13.65
C ASP A 52 12.46 -12.11 12.59
N GLU A 53 12.55 -10.79 12.77
CA GLU A 53 11.93 -9.86 11.83
C GLU A 53 12.97 -8.86 11.30
N PHE A 54 12.77 -8.42 10.07
CA PHE A 54 13.67 -7.46 9.44
C PHE A 54 12.95 -6.15 9.13
N GLU A 55 13.68 -5.04 9.27
CA GLU A 55 13.11 -3.72 9.00
C GLU A 55 13.68 -3.14 7.72
N GLU A 56 12.79 -2.67 6.84
CA GLU A 56 13.21 -2.09 5.56
C GLU A 56 12.48 -0.78 5.31
N VAL A 57 13.12 0.11 4.55
CA VAL A 57 12.53 1.40 4.23
C VAL A 57 12.32 1.55 2.72
N ALA A 58 11.11 1.95 2.33
CA ALA A 58 10.78 2.13 0.93
C ALA A 58 9.58 3.05 0.76
N ASP A 59 9.51 3.74 -0.38
CA ASP A 59 8.42 4.66 -0.66
C ASP A 59 7.19 3.89 -1.15
N ASP A 60 6.08 4.05 -0.45
CA ASP A 60 4.84 3.38 -0.81
C ASP A 60 3.72 4.39 -1.08
N PRO A 61 2.78 4.07 -1.98
CA PRO A 61 1.67 4.96 -2.32
C PRO A 61 0.67 5.09 -1.17
N ILE A 62 -0.13 6.14 -1.21
CA ILE A 62 -1.13 6.39 -0.18
C ILE A 62 -2.50 5.88 -0.60
N VAL A 63 -3.17 5.19 0.31
CA VAL A 63 -4.50 4.65 0.04
C VAL A 63 -5.54 5.33 0.91
N MET A 64 -6.70 5.62 0.34
CA MET A 64 -7.78 6.26 1.07
C MET A 64 -8.59 5.24 1.85
N VAL A 65 -8.53 5.33 3.18
CA VAL A 65 -9.27 4.41 4.04
C VAL A 65 -10.37 5.14 4.80
N ALA A 66 -11.61 4.83 4.47
CA ALA A 66 -12.76 5.47 5.12
C ALA A 66 -12.70 6.98 4.98
N GLY A 67 -11.97 7.46 3.97
CA GLY A 67 -11.85 8.89 3.76
C GLY A 67 -10.54 9.46 4.27
N ARG A 68 -9.85 8.69 5.11
CA ARG A 68 -8.57 9.14 5.67
C ARG A 68 -7.40 8.50 4.93
N PRO A 69 -6.27 9.22 4.84
CA PRO A 69 -5.07 8.72 4.15
C PRO A 69 -4.33 7.66 4.95
N PHE A 70 -3.91 6.59 4.29
CA PHE A 70 -3.19 5.51 4.94
C PHE A 70 -2.22 4.85 3.96
N SER A 71 -1.19 4.21 4.50
CA SER A 71 -0.20 3.54 3.67
C SER A 71 -0.71 2.18 3.21
N TYR A 72 -0.48 1.85 1.95
CA TYR A 72 -0.93 0.58 1.38
C TYR A 72 -0.40 -0.58 2.20
N SER A 73 0.81 -0.44 2.72
CA SER A 73 1.42 -1.50 3.52
C SER A 73 0.63 -1.75 4.81
N GLU A 74 0.17 -0.68 5.43
CA GLU A 74 -0.60 -0.78 6.66
C GLU A 74 -1.96 -1.44 6.41
N VAL A 75 -2.49 -1.24 5.22
CA VAL A 75 -3.78 -1.80 4.85
C VAL A 75 -3.71 -3.33 4.80
N SER A 76 -2.69 -3.84 4.11
CA SER A 76 -2.51 -5.28 3.97
C SER A 76 -2.21 -5.92 5.33
N GLN A 77 -1.57 -5.15 6.19
CA GLN A 77 -1.21 -5.64 7.53
C GLN A 77 -2.43 -5.61 8.45
N ARG A 78 -3.38 -4.74 8.15
CA ARG A 78 -4.58 -4.62 8.95
C ARG A 78 -5.83 -4.78 8.09
N PRO A 79 -6.25 -6.04 7.84
CA PRO A 79 -7.42 -6.34 7.03
C PRO A 79 -8.66 -5.57 7.48
N GLU A 80 -8.68 -5.18 8.75
CA GLU A 80 -9.80 -4.43 9.31
C GLU A 80 -9.97 -3.09 8.60
N LEU A 81 -8.87 -2.55 8.11
CA LEU A 81 -8.89 -1.27 7.41
C LEU A 81 -9.61 -1.41 6.08
N VAL A 82 -9.42 -2.54 5.41
CA VAL A 82 -10.06 -2.79 4.13
C VAL A 82 -11.57 -2.86 4.29
N ALA A 83 -12.02 -3.41 5.41
CA ALA A 83 -13.45 -3.54 5.70
C ALA A 83 -14.09 -2.16 5.85
N GLN A 84 -13.30 -1.22 6.34
CA GLN A 84 -13.78 0.15 6.53
C GLN A 84 -13.79 0.92 5.23
N MET A 85 -13.03 0.43 4.25
CA MET A 85 -12.94 1.09 2.95
C MET A 85 -14.24 0.92 2.17
N THR A 86 -14.81 2.04 1.73
CA THR A 86 -16.05 2.02 0.97
C THR A 86 -15.86 1.24 -0.33
N PRO A 87 -16.96 0.83 -0.98
CA PRO A 87 -16.89 0.07 -2.23
C PRO A 87 -15.94 0.71 -3.25
N GLU A 88 -16.18 1.97 -3.57
CA GLU A 88 -15.32 2.69 -4.52
C GLU A 88 -13.89 2.72 -3.99
N GLU A 89 -13.75 2.92 -2.69
CA GLU A 89 -12.44 2.95 -2.06
C GLU A 89 -11.77 1.59 -2.16
N LYS A 90 -12.59 0.54 -2.10
CA LYS A 90 -12.07 -0.82 -2.19
C LYS A 90 -11.44 -1.05 -3.56
N GLU A 91 -12.07 -0.47 -4.59
CA GLU A 91 -11.57 -0.60 -5.95
C GLU A 91 -10.21 0.08 -6.09
N ALA A 92 -10.10 1.29 -5.56
CA ALA A 92 -8.84 2.03 -5.62
C ALA A 92 -7.72 1.24 -4.97
N TYR A 93 -8.09 0.42 -3.99
CA TYR A 93 -7.12 -0.42 -3.29
C TYR A 93 -6.62 -1.51 -4.20
N ILE A 94 -7.55 -2.17 -4.87
CA ILE A 94 -7.23 -3.25 -5.78
C ILE A 94 -6.65 -2.73 -7.09
N ALA A 95 -7.12 -1.57 -7.52
CA ALA A 95 -6.64 -0.96 -8.75
C ALA A 95 -5.17 -0.55 -8.63
N MET A 96 -4.78 -0.13 -7.44
CA MET A 96 -3.41 0.29 -7.18
C MET A 96 -2.43 -0.85 -7.47
N GLY A 97 -2.83 -2.06 -7.12
CA GLY A 97 -1.98 -3.22 -7.33
C GLY A 97 -1.60 -3.40 -8.79
N GLN A 98 -2.55 -3.15 -9.69
CA GLN A 98 -2.32 -3.28 -11.12
C GLN A 98 -1.23 -2.31 -11.58
N ARG A 99 -1.15 -1.16 -10.92
CA ARG A 99 -0.17 -0.15 -11.25
C ARG A 99 1.21 -0.52 -10.68
N MET A 100 1.20 -1.23 -9.56
CA MET A 100 2.44 -1.66 -8.91
C MET A 100 3.29 -2.50 -9.85
N PHE A 101 2.65 -3.11 -10.84
CA PHE A 101 3.34 -3.96 -11.80
C PHE A 101 3.82 -3.15 -13.01
N GLU A 102 3.77 -1.83 -12.92
CA GLU A 102 4.19 -0.96 -14.01
C GLU A 102 5.71 -0.82 -14.04
N ASP A 103 6.34 -1.02 -12.89
CA ASP A 103 7.79 -0.93 -12.79
C ASP A 103 8.33 -1.89 -11.74
N LEU A 104 8.50 -3.15 -12.13
CA LEU A 104 9.01 -4.17 -11.22
C LEU A 104 9.77 -5.24 -11.98
N PHE A 105 11.04 -4.98 -12.26
CA PHE A 105 11.89 -5.92 -12.98
C PHE A 105 12.94 -6.52 -12.06
N GLU A 106 13.17 -7.82 -12.20
CA GLU A 106 14.15 -8.51 -11.38
C GLU A 106 15.46 -8.72 -12.15
N ASP A 47 28.72 -16.35 4.38
CA ASP A 47 29.42 -15.52 5.40
C ASP A 47 29.42 -14.05 5.02
N GLU A 48 30.23 -13.71 4.01
CA GLU A 48 30.34 -12.34 3.54
C GLU A 48 29.69 -12.18 2.16
N GLU A 49 29.20 -10.99 1.88
CA GLU A 49 28.55 -10.72 0.60
C GLU A 49 29.38 -9.74 -0.23
N GLU A 50 29.21 -9.79 -1.54
CA GLU A 50 29.94 -8.92 -2.44
C GLU A 50 29.33 -7.52 -2.49
N ASP A 51 28.00 -7.47 -2.39
CA ASP A 51 27.28 -6.20 -2.42
C ASP A 51 27.14 -5.64 -1.01
N ASP A 52 27.62 -4.40 -0.82
CA ASP A 52 27.55 -3.75 0.47
C ASP A 52 26.18 -3.12 0.70
N GLU A 53 25.45 -3.60 1.70
CA GLU A 53 24.13 -3.09 2.01
C GLU A 53 24.22 -1.78 2.80
N PHE A 54 23.37 -0.82 2.44
CA PHE A 54 23.37 0.47 3.12
C PHE A 54 21.97 0.79 3.66
N GLU A 55 21.91 1.61 4.69
CA GLU A 55 20.65 2.00 5.30
C GLU A 55 19.96 3.08 4.48
N GLU A 56 18.80 2.76 3.93
CA GLU A 56 18.04 3.71 3.12
C GLU A 56 16.55 3.65 3.46
N VAL A 57 15.83 4.71 3.13
CA VAL A 57 14.39 4.77 3.41
C VAL A 57 13.59 4.78 2.11
N ALA A 58 12.59 3.92 2.03
CA ALA A 58 11.74 3.83 0.85
C ALA A 58 10.34 4.36 1.14
N ASP A 59 9.77 5.07 0.17
CA ASP A 59 8.44 5.64 0.32
C ASP A 59 7.37 4.65 -0.15
N ASP A 60 6.36 4.46 0.68
CA ASP A 60 5.27 3.54 0.35
C ASP A 60 4.07 4.30 -0.21
N PRO A 61 3.30 3.65 -1.10
CA PRO A 61 2.13 4.27 -1.73
C PRO A 61 1.02 4.56 -0.72
N ILE A 62 0.23 5.59 -0.99
CA ILE A 62 -0.86 5.97 -0.10
C ILE A 62 -2.18 5.39 -0.58
N VAL A 63 -2.99 4.93 0.36
CA VAL A 63 -4.29 4.34 0.04
C VAL A 63 -5.41 5.06 0.79
N MET A 64 -6.54 5.25 0.12
CA MET A 64 -7.68 5.92 0.72
C MET A 64 -8.51 4.94 1.56
N VAL A 65 -8.54 5.18 2.87
CA VAL A 65 -9.29 4.32 3.77
C VAL A 65 -10.45 5.10 4.40
N ALA A 66 -11.67 4.80 3.95
CA ALA A 66 -12.85 5.47 4.46
C ALA A 66 -12.84 6.96 4.13
N GLY A 67 -11.99 7.35 3.18
CA GLY A 67 -11.90 8.75 2.80
C GLY A 67 -10.61 9.41 3.24
N ARG A 68 -9.97 8.85 4.26
CA ARG A 68 -8.72 9.40 4.77
C ARG A 68 -7.51 8.65 4.21
N PRO A 69 -6.37 9.35 4.06
CA PRO A 69 -5.13 8.75 3.53
C PRO A 69 -4.50 7.74 4.47
N PHE A 70 -4.09 6.61 3.92
CA PHE A 70 -3.45 5.55 4.70
C PHE A 70 -2.27 4.95 3.93
N SER A 71 -1.51 4.08 4.60
CA SER A 71 -0.37 3.44 3.97
C SER A 71 -0.77 2.09 3.40
N TYR A 72 -0.41 1.85 2.15
CA TYR A 72 -0.74 0.59 1.48
C TYR A 72 -0.26 -0.60 2.29
N SER A 73 0.96 -0.51 2.82
CA SER A 73 1.54 -1.58 3.62
C SER A 73 0.77 -1.76 4.92
N GLU A 74 0.29 -0.65 5.48
CA GLU A 74 -0.45 -0.69 6.74
C GLU A 74 -1.80 -1.38 6.56
N VAL A 75 -2.35 -1.29 5.35
CA VAL A 75 -3.62 -1.92 5.05
C VAL A 75 -3.50 -3.44 5.01
N SER A 76 -2.48 -3.94 4.31
CA SER A 76 -2.26 -5.36 4.20
C SER A 76 -1.99 -5.99 5.56
N GLN A 77 -1.39 -5.21 6.45
CA GLN A 77 -1.08 -5.68 7.79
C GLN A 77 -2.33 -5.71 8.66
N ARG A 78 -3.28 -4.85 8.34
CA ARG A 78 -4.54 -4.76 9.08
C ARG A 78 -5.73 -4.92 8.14
N PRO A 79 -6.29 -6.14 8.02
CA PRO A 79 -7.44 -6.39 7.15
C PRO A 79 -8.68 -5.62 7.59
N GLU A 80 -8.73 -5.24 8.85
CA GLU A 80 -9.87 -4.50 9.38
C GLU A 80 -10.01 -3.16 8.69
N LEU A 81 -8.89 -2.62 8.23
CA LEU A 81 -8.88 -1.34 7.52
C LEU A 81 -9.60 -1.45 6.19
N VAL A 82 -9.43 -2.59 5.53
CA VAL A 82 -10.06 -2.83 4.24
C VAL A 82 -11.58 -2.84 4.37
N ALA A 83 -12.07 -3.40 5.48
CA ALA A 83 -13.51 -3.47 5.73
C ALA A 83 -14.10 -2.07 5.93
N GLN A 84 -13.27 -1.17 6.43
CA GLN A 84 -13.71 0.21 6.67
C GLN A 84 -13.79 0.99 5.37
N MET A 85 -13.04 0.54 4.36
CA MET A 85 -13.02 1.20 3.06
C MET A 85 -14.33 0.99 2.33
N THR A 86 -14.91 2.08 1.84
CA THR A 86 -16.18 2.01 1.10
C THR A 86 -15.98 1.22 -0.19
N PRO A 87 -17.08 0.91 -0.90
CA PRO A 87 -17.01 0.15 -2.16
C PRO A 87 -16.02 0.77 -3.15
N GLU A 88 -16.24 2.05 -3.47
CA GLU A 88 -15.36 2.74 -4.39
C GLU A 88 -13.94 2.77 -3.83
N GLU A 89 -13.85 2.96 -2.52
CA GLU A 89 -12.55 2.99 -1.85
C GLU A 89 -11.88 1.63 -1.94
N LYS A 90 -12.69 0.57 -1.92
CA LYS A 90 -12.17 -0.79 -2.01
C LYS A 90 -11.52 -1.01 -3.37
N GLU A 91 -12.11 -0.41 -4.40
CA GLU A 91 -11.59 -0.54 -5.76
C GLU A 91 -10.22 0.13 -5.87
N ALA A 92 -10.10 1.32 -5.29
CA ALA A 92 -8.83 2.04 -5.32
C ALA A 92 -7.72 1.21 -4.69
N TYR A 93 -8.11 0.38 -3.73
CA TYR A 93 -7.16 -0.49 -3.05
C TYR A 93 -6.66 -1.57 -4.00
N ILE A 94 -7.59 -2.18 -4.70
CA ILE A 94 -7.29 -3.24 -5.64
C ILE A 94 -6.68 -2.69 -6.93
N ALA A 95 -7.13 -1.51 -7.33
CA ALA A 95 -6.64 -0.88 -8.54
C ALA A 95 -5.16 -0.48 -8.40
N MET A 96 -4.75 -0.18 -7.18
CA MET A 96 -3.37 0.21 -6.91
C MET A 96 -2.40 -0.88 -7.35
N GLY A 97 -2.81 -2.13 -7.20
CA GLY A 97 -1.96 -3.24 -7.58
C GLY A 97 -1.59 -3.21 -9.05
N GLN A 98 -2.60 -3.00 -9.91
CA GLN A 98 -2.37 -2.94 -11.35
C GLN A 98 -1.47 -1.76 -11.70
N ARG A 99 -1.66 -0.63 -11.02
CA ARG A 99 -0.87 0.56 -11.27
C ARG A 99 0.62 0.24 -11.25
N MET A 100 0.99 -0.74 -10.44
CA MET A 100 2.39 -1.15 -10.33
C MET A 100 2.82 -1.91 -11.58
N PHE A 101 1.87 -2.59 -12.20
CA PHE A 101 2.14 -3.37 -13.41
C PHE A 101 1.13 -3.06 -14.51
N GLU A 102 0.85 -1.78 -14.71
CA GLU A 102 -0.11 -1.35 -15.74
C GLU A 102 0.60 -0.61 -16.87
N ASP A 103 1.81 -0.13 -16.61
CA ASP A 103 2.57 0.59 -17.61
C ASP A 103 4.07 0.47 -17.36
N LEU A 104 4.68 -0.60 -17.84
CA LEU A 104 6.11 -0.83 -17.66
C LEU A 104 6.72 -1.46 -18.90
N PHE A 105 6.98 -0.65 -19.91
CA PHE A 105 7.57 -1.14 -21.15
C PHE A 105 8.92 -0.46 -21.43
N GLU A 106 9.76 -1.12 -22.21
CA GLU A 106 11.07 -0.58 -22.54
C GLU A 106 11.45 -0.94 -23.98
N ASP A 47 9.61 -16.52 18.43
CA ASP A 47 10.51 -16.22 19.57
C ASP A 47 10.56 -14.72 19.85
N GLU A 48 10.99 -13.95 18.85
CA GLU A 48 11.07 -12.49 19.00
C GLU A 48 9.98 -11.80 18.19
N GLU A 49 9.48 -10.70 18.72
CA GLU A 49 8.43 -9.93 18.05
C GLU A 49 8.84 -8.47 17.88
N GLU A 50 8.38 -7.86 16.79
CA GLU A 50 8.69 -6.46 16.52
C GLU A 50 7.53 -5.77 15.80
N ASP A 51 7.30 -4.52 16.16
CA ASP A 51 6.21 -3.74 15.55
C ASP A 51 6.41 -3.63 14.05
N ASP A 52 7.66 -3.48 13.63
CA ASP A 52 7.98 -3.35 12.21
C ASP A 52 9.31 -4.01 11.89
N GLU A 53 9.56 -4.25 10.60
CA GLU A 53 10.81 -4.86 10.17
C GLU A 53 11.56 -3.97 9.19
N PHE A 54 12.85 -3.80 9.44
CA PHE A 54 13.68 -2.95 8.59
C PHE A 54 14.69 -3.79 7.81
N GLU A 55 14.74 -3.58 6.50
CA GLU A 55 15.66 -4.32 5.65
C GLU A 55 15.89 -3.59 4.33
N GLU A 56 14.80 -3.14 3.71
CA GLU A 56 14.88 -2.43 2.44
C GLU A 56 14.18 -1.07 2.53
N VAL A 57 14.47 -0.20 1.57
CA VAL A 57 13.87 1.13 1.55
C VAL A 57 13.20 1.41 0.21
N ALA A 58 12.01 2.00 0.26
CA ALA A 58 11.26 2.31 -0.96
C ALA A 58 10.01 3.11 -0.64
N ASP A 59 9.64 4.03 -1.53
CA ASP A 59 8.46 4.86 -1.34
C ASP A 59 7.20 4.10 -1.73
N ASP A 60 6.16 4.22 -0.90
CA ASP A 60 4.89 3.55 -1.16
C ASP A 60 3.77 4.56 -1.36
N PRO A 61 2.79 4.24 -2.23
CA PRO A 61 1.66 5.12 -2.49
C PRO A 61 0.67 5.18 -1.34
N ILE A 62 -0.20 6.18 -1.36
CA ILE A 62 -1.20 6.34 -0.31
C ILE A 62 -2.54 5.79 -0.74
N VAL A 63 -3.26 5.19 0.20
CA VAL A 63 -4.57 4.60 -0.07
C VAL A 63 -5.65 5.27 0.80
N MET A 64 -6.82 5.48 0.21
CA MET A 64 -7.92 6.10 0.94
C MET A 64 -8.70 5.06 1.75
N VAL A 65 -8.63 5.18 3.07
CA VAL A 65 -9.33 4.25 3.95
C VAL A 65 -10.42 4.97 4.73
N ALA A 66 -11.68 4.63 4.45
CA ALA A 66 -12.81 5.24 5.13
C ALA A 66 -12.77 6.76 5.01
N GLY A 67 -12.09 7.26 3.98
CA GLY A 67 -12.00 8.69 3.78
C GLY A 67 -10.68 9.26 4.27
N ARG A 68 -9.97 8.51 5.10
CA ARG A 68 -8.69 8.96 5.63
C ARG A 68 -7.52 8.33 4.88
N PRO A 69 -6.41 9.07 4.73
CA PRO A 69 -5.23 8.58 4.01
C PRO A 69 -4.43 7.56 4.83
N PHE A 70 -4.02 6.48 4.18
CA PHE A 70 -3.25 5.44 4.83
C PHE A 70 -2.27 4.79 3.86
N SER A 71 -1.20 4.20 4.38
CA SER A 71 -0.21 3.54 3.55
C SER A 71 -0.75 2.21 3.02
N TYR A 72 -0.47 1.93 1.75
CA TYR A 72 -0.92 0.69 1.14
C TYR A 72 -0.42 -0.53 1.91
N SER A 73 0.83 -0.45 2.37
CA SER A 73 1.44 -1.55 3.13
C SER A 73 0.71 -1.75 4.45
N GLU A 74 0.30 -0.66 5.07
CA GLU A 74 -0.40 -0.72 6.35
C GLU A 74 -1.76 -1.39 6.20
N VAL A 75 -2.36 -1.24 5.01
CA VAL A 75 -3.66 -1.82 4.73
C VAL A 75 -3.57 -3.35 4.71
N SER A 76 -2.57 -3.87 4.02
CA SER A 76 -2.38 -5.32 3.92
C SER A 76 -2.07 -5.91 5.28
N GLN A 77 -1.44 -5.12 6.14
CA GLN A 77 -1.08 -5.58 7.49
C GLN A 77 -2.30 -5.58 8.40
N ARG A 78 -3.28 -4.74 8.08
CA ARG A 78 -4.50 -4.65 8.86
C ARG A 78 -5.73 -4.89 7.99
N PRO A 79 -6.24 -6.13 7.95
CA PRO A 79 -7.41 -6.47 7.15
C PRO A 79 -8.65 -5.71 7.59
N GLU A 80 -8.67 -5.31 8.85
CA GLU A 80 -9.81 -4.57 9.39
C GLU A 80 -9.99 -3.24 8.67
N LEU A 81 -8.90 -2.70 8.16
CA LEU A 81 -8.93 -1.43 7.44
C LEU A 81 -9.70 -1.58 6.13
N VAL A 82 -9.52 -2.71 5.46
CA VAL A 82 -10.20 -2.98 4.21
C VAL A 82 -11.72 -3.00 4.40
N ALA A 83 -12.14 -3.53 5.55
CA ALA A 83 -13.57 -3.61 5.87
C ALA A 83 -14.18 -2.22 6.01
N GLN A 84 -13.35 -1.27 6.43
CA GLN A 84 -13.79 0.11 6.61
C GLN A 84 -13.80 0.85 5.27
N MET A 85 -13.09 0.31 4.29
CA MET A 85 -13.02 0.92 2.98
C MET A 85 -14.32 0.75 2.21
N THR A 86 -14.88 1.86 1.73
CA THR A 86 -16.12 1.82 0.97
C THR A 86 -15.89 1.16 -0.38
N PRO A 87 -16.96 0.91 -1.15
CA PRO A 87 -16.84 0.27 -2.47
C PRO A 87 -15.86 0.99 -3.37
N GLU A 88 -16.10 2.28 -3.59
CA GLU A 88 -15.21 3.07 -4.43
C GLU A 88 -13.79 3.06 -3.87
N GLU A 89 -13.70 3.18 -2.55
CA GLU A 89 -12.40 3.16 -1.88
C GLU A 89 -11.74 1.80 -2.04
N LYS A 90 -12.56 0.75 -2.08
CA LYS A 90 -12.05 -0.60 -2.25
C LYS A 90 -11.41 -0.77 -3.62
N GLU A 91 -12.01 -0.12 -4.61
CA GLU A 91 -11.50 -0.18 -5.98
C GLU A 91 -10.12 0.48 -6.07
N ALA A 92 -9.99 1.65 -5.46
CA ALA A 92 -8.72 2.37 -5.46
C ALA A 92 -7.63 1.52 -4.85
N TYR A 93 -8.02 0.65 -3.93
CA TYR A 93 -7.08 -0.24 -3.26
C TYR A 93 -6.59 -1.30 -4.23
N ILE A 94 -7.53 -1.89 -4.94
CA ILE A 94 -7.23 -2.93 -5.91
C ILE A 94 -6.63 -2.35 -7.19
N ALA A 95 -7.07 -1.16 -7.57
CA ALA A 95 -6.57 -0.51 -8.77
C ALA A 95 -5.09 -0.21 -8.65
N MET A 96 -4.68 0.34 -7.51
CA MET A 96 -3.28 0.68 -7.29
C MET A 96 -2.41 -0.56 -7.32
N GLY A 97 -2.93 -1.67 -6.79
CA GLY A 97 -2.19 -2.91 -6.77
C GLY A 97 -1.79 -3.37 -8.17
N GLN A 98 -2.68 -3.15 -9.13
CA GLN A 98 -2.41 -3.55 -10.51
C GLN A 98 -1.18 -2.82 -11.06
N ARG A 99 -0.97 -1.61 -10.58
CA ARG A 99 0.17 -0.81 -11.03
C ARG A 99 1.44 -1.23 -10.28
N MET A 100 1.28 -1.71 -9.06
CA MET A 100 2.41 -2.15 -8.25
C MET A 100 3.20 -3.25 -8.96
N PHE A 101 2.52 -4.00 -9.80
CA PHE A 101 3.14 -5.09 -10.55
C PHE A 101 3.41 -4.68 -11.99
N GLU A 102 3.53 -3.37 -12.21
CA GLU A 102 3.79 -2.85 -13.55
C GLU A 102 5.27 -2.97 -13.92
N ASP A 103 6.11 -3.05 -12.90
CA ASP A 103 7.56 -3.18 -13.12
C ASP A 103 8.22 -3.91 -11.95
N LEU A 104 8.20 -5.23 -12.01
CA LEU A 104 8.80 -6.05 -10.97
C LEU A 104 9.45 -7.29 -11.56
N PHE A 105 10.66 -7.12 -12.10
CA PHE A 105 11.40 -8.22 -12.70
C PHE A 105 12.73 -8.43 -12.01
N GLU A 106 13.23 -9.66 -12.04
CA GLU A 106 14.50 -9.99 -11.41
C GLU A 106 15.38 -10.80 -12.36
N ASP A 47 1.44 -0.23 30.22
CA ASP A 47 2.46 0.58 29.50
C ASP A 47 2.69 0.06 28.09
N GLU A 48 3.39 0.84 27.28
CA GLU A 48 3.68 0.46 25.91
C GLU A 48 5.09 -0.11 25.79
N GLU A 49 5.23 -1.19 25.04
CA GLU A 49 6.52 -1.84 24.84
C GLU A 49 7.34 -1.10 23.78
N GLU A 50 6.65 -0.60 22.76
CA GLU A 50 7.31 0.14 21.68
C GLU A 50 6.90 1.60 21.69
N ASP A 51 7.79 2.46 21.22
CA ASP A 51 7.52 3.90 21.17
C ASP A 51 7.85 4.47 19.80
N ASP A 52 9.01 4.10 19.27
CA ASP A 52 9.45 4.58 17.98
C ASP A 52 10.53 3.68 17.38
N GLU A 53 10.12 2.73 16.55
CA GLU A 53 11.04 1.80 15.92
C GLU A 53 11.09 2.02 14.41
N PHE A 54 12.29 1.90 13.84
CA PHE A 54 12.47 2.08 12.40
C PHE A 54 13.76 1.43 11.93
N GLU A 55 13.70 0.14 11.62
CA GLU A 55 14.86 -0.60 11.16
C GLU A 55 15.12 -0.33 9.68
N GLU A 56 14.04 -0.23 8.91
CA GLU A 56 14.16 0.02 7.48
C GLU A 56 13.29 1.20 7.06
N VAL A 57 13.74 1.93 6.04
CA VAL A 57 13.00 3.09 5.54
C VAL A 57 12.71 2.95 4.06
N ALA A 58 11.45 3.20 3.67
CA ALA A 58 11.05 3.10 2.28
C ALA A 58 9.82 3.96 2.00
N ASP A 59 9.73 4.48 0.78
CA ASP A 59 8.60 5.31 0.39
C ASP A 59 7.47 4.46 -0.21
N ASP A 60 6.31 4.52 0.42
CA ASP A 60 5.15 3.76 -0.05
C ASP A 60 4.01 4.68 -0.46
N PRO A 61 3.18 4.26 -1.42
CA PRO A 61 2.05 5.06 -1.90
C PRO A 61 0.95 5.19 -0.85
N ILE A 62 0.06 6.15 -1.05
CA ILE A 62 -1.03 6.39 -0.12
C ILE A 62 -2.34 5.81 -0.64
N VAL A 63 -3.18 5.33 0.28
CA VAL A 63 -4.45 4.75 -0.08
C VAL A 63 -5.59 5.37 0.74
N MET A 64 -6.72 5.61 0.10
CA MET A 64 -7.87 6.20 0.77
C MET A 64 -8.63 5.13 1.56
N VAL A 65 -8.62 5.27 2.88
CA VAL A 65 -9.32 4.32 3.75
C VAL A 65 -10.45 5.00 4.51
N ALA A 66 -11.68 4.67 4.15
CA ALA A 66 -12.85 5.25 4.81
C ALA A 66 -12.82 6.78 4.73
N GLY A 67 -12.09 7.30 3.74
CA GLY A 67 -12.00 8.74 3.58
C GLY A 67 -10.68 9.31 4.10
N ARG A 68 -9.99 8.55 4.93
CA ARG A 68 -8.72 9.00 5.49
C ARG A 68 -7.54 8.35 4.77
N PRO A 69 -6.42 9.09 4.61
CA PRO A 69 -5.22 8.59 3.93
C PRO A 69 -4.44 7.61 4.78
N PHE A 70 -4.01 6.52 4.16
CA PHE A 70 -3.23 5.49 4.85
C PHE A 70 -2.23 4.84 3.91
N SER A 71 -1.19 4.24 4.49
CA SER A 71 -0.16 3.58 3.69
C SER A 71 -0.71 2.32 3.05
N TYR A 72 -0.35 2.09 1.79
CA TYR A 72 -0.82 0.91 1.07
C TYR A 72 -0.39 -0.37 1.79
N SER A 73 0.84 -0.39 2.28
CA SER A 73 1.38 -1.54 2.98
C SER A 73 0.64 -1.77 4.30
N GLU A 74 0.33 -0.67 4.99
CA GLU A 74 -0.38 -0.74 6.27
C GLU A 74 -1.75 -1.38 6.09
N VAL A 75 -2.33 -1.21 4.91
CA VAL A 75 -3.64 -1.77 4.62
C VAL A 75 -3.59 -3.29 4.55
N SER A 76 -2.60 -3.81 3.82
CA SER A 76 -2.44 -5.25 3.68
C SER A 76 -2.12 -5.90 5.02
N GLN A 77 -1.46 -5.14 5.88
CA GLN A 77 -1.08 -5.63 7.21
C GLN A 77 -2.29 -5.66 8.14
N ARG A 78 -3.27 -4.80 7.86
CA ARG A 78 -4.48 -4.71 8.68
C ARG A 78 -5.72 -4.89 7.81
N PRO A 79 -6.12 -6.16 7.57
CA PRO A 79 -7.30 -6.46 6.75
C PRO A 79 -8.54 -5.71 7.22
N GLU A 80 -8.57 -5.38 8.51
CA GLU A 80 -9.71 -4.66 9.09
C GLU A 80 -9.88 -3.30 8.42
N LEU A 81 -8.78 -2.73 7.95
CA LEU A 81 -8.81 -1.44 7.29
C LEU A 81 -9.57 -1.52 5.97
N VAL A 82 -9.41 -2.63 5.27
CA VAL A 82 -10.10 -2.83 4.00
C VAL A 82 -11.61 -2.86 4.19
N ALA A 83 -12.05 -3.48 5.28
CA ALA A 83 -13.47 -3.57 5.59
C ALA A 83 -14.06 -2.20 5.87
N GLN A 84 -13.23 -1.30 6.37
CA GLN A 84 -13.66 0.06 6.69
C GLN A 84 -13.71 0.93 5.43
N MET A 85 -13.05 0.48 4.37
CA MET A 85 -13.02 1.21 3.11
C MET A 85 -14.32 1.05 2.35
N THR A 86 -14.87 2.16 1.88
CA THR A 86 -16.12 2.14 1.12
C THR A 86 -15.93 1.36 -0.18
N PRO A 87 -17.02 0.86 -0.78
CA PRO A 87 -16.95 0.11 -2.04
C PRO A 87 -16.03 0.76 -3.06
N GLU A 88 -16.31 2.02 -3.38
CA GLU A 88 -15.49 2.75 -4.35
C GLU A 88 -14.06 2.84 -3.84
N GLU A 89 -13.91 3.02 -2.53
CA GLU A 89 -12.59 3.11 -1.92
C GLU A 89 -11.87 1.76 -2.02
N LYS A 90 -12.64 0.69 -1.95
CA LYS A 90 -12.09 -0.65 -2.04
C LYS A 90 -11.47 -0.87 -3.43
N GLU A 91 -12.11 -0.29 -4.44
CA GLU A 91 -11.61 -0.39 -5.81
C GLU A 91 -10.26 0.28 -5.95
N ALA A 92 -10.14 1.49 -5.39
CA ALA A 92 -8.89 2.23 -5.45
C ALA A 92 -7.75 1.43 -4.86
N TYR A 93 -8.10 0.60 -3.89
CA TYR A 93 -7.11 -0.27 -3.22
C TYR A 93 -6.62 -1.33 -4.18
N ILE A 94 -7.57 -1.97 -4.84
CA ILE A 94 -7.28 -3.03 -5.80
C ILE A 94 -6.70 -2.46 -7.10
N ALA A 95 -7.17 -1.28 -7.49
CA ALA A 95 -6.71 -0.65 -8.71
C ALA A 95 -5.22 -0.31 -8.62
N MET A 96 -4.82 0.28 -7.50
CA MET A 96 -3.43 0.66 -7.29
C MET A 96 -2.53 -0.57 -7.28
N GLY A 97 -3.03 -1.66 -6.71
CA GLY A 97 -2.27 -2.89 -6.64
C GLY A 97 -1.87 -3.39 -8.02
N GLN A 98 -2.76 -3.21 -8.99
CA GLN A 98 -2.50 -3.67 -10.35
C GLN A 98 -1.26 -2.98 -10.92
N ARG A 99 -1.10 -1.69 -10.62
CA ARG A 99 0.03 -0.93 -11.10
C ARG A 99 1.32 -1.38 -10.41
N MET A 100 1.19 -1.85 -9.17
CA MET A 100 2.33 -2.32 -8.41
C MET A 100 3.08 -3.43 -9.14
N PHE A 101 2.39 -4.11 -10.04
CA PHE A 101 2.98 -5.19 -10.81
C PHE A 101 3.56 -4.68 -12.13
N GLU A 102 4.29 -3.57 -12.06
CA GLU A 102 4.90 -2.98 -13.24
C GLU A 102 6.42 -3.17 -13.22
N ASP A 103 6.97 -3.39 -12.04
CA ASP A 103 8.41 -3.58 -11.89
C ASP A 103 8.71 -4.64 -10.83
N LEU A 104 8.60 -5.91 -11.22
CA LEU A 104 8.86 -7.02 -10.31
C LEU A 104 9.55 -8.16 -11.04
N PHE A 105 10.85 -8.03 -11.23
CA PHE A 105 11.63 -9.05 -11.92
C PHE A 105 12.20 -10.07 -10.92
N GLU A 106 12.06 -11.34 -11.24
CA GLU A 106 12.55 -12.41 -10.38
C GLU A 106 14.05 -12.61 -10.56
N ASP A 47 18.70 -4.58 -2.80
CA ASP A 47 19.80 -5.31 -2.11
C ASP A 47 20.58 -6.17 -3.08
N GLU A 48 21.64 -5.59 -3.66
CA GLU A 48 22.47 -6.31 -4.61
C GLU A 48 23.75 -6.80 -3.94
N GLU A 49 24.08 -8.07 -4.15
CA GLU A 49 25.29 -8.65 -3.57
C GLU A 49 26.34 -8.90 -4.64
N GLU A 50 26.15 -9.96 -5.43
CA GLU A 50 27.09 -10.30 -6.49
C GLU A 50 26.50 -10.01 -7.87
N ASP A 51 25.35 -10.60 -8.15
CA ASP A 51 24.68 -10.40 -9.43
C ASP A 51 24.30 -8.94 -9.63
N ASP A 52 23.78 -8.62 -10.81
CA ASP A 52 23.37 -7.25 -11.12
C ASP A 52 22.01 -7.24 -11.81
N GLU A 53 20.96 -6.93 -11.05
CA GLU A 53 19.61 -6.88 -11.59
C GLU A 53 19.07 -5.45 -11.58
N PHE A 54 18.24 -5.14 -12.56
CA PHE A 54 17.66 -3.80 -12.66
C PHE A 54 16.31 -3.73 -11.97
N GLU A 55 16.19 -2.83 -11.00
CA GLU A 55 14.94 -2.67 -10.26
C GLU A 55 14.75 -1.22 -9.82
N GLU A 56 13.50 -0.84 -9.58
CA GLU A 56 13.18 0.52 -9.15
C GLU A 56 12.78 0.55 -7.69
N VAL A 57 13.26 1.55 -6.96
CA VAL A 57 12.95 1.69 -5.55
C VAL A 57 12.23 3.02 -5.28
N ALA A 58 11.14 2.94 -4.52
CA ALA A 58 10.36 4.13 -4.18
C ALA A 58 9.52 3.90 -2.94
N ASP A 59 8.95 4.97 -2.40
CA ASP A 59 8.13 4.89 -1.20
C ASP A 59 6.72 4.42 -1.55
N ASP A 60 6.11 3.66 -0.63
CA ASP A 60 4.76 3.14 -0.85
C ASP A 60 3.76 4.27 -1.02
N PRO A 61 2.77 4.10 -1.90
CA PRO A 61 1.74 5.11 -2.16
C PRO A 61 0.74 5.22 -1.01
N ILE A 62 -0.05 6.30 -1.02
CA ILE A 62 -1.04 6.52 0.02
C ILE A 62 -2.42 5.99 -0.42
N VAL A 63 -3.09 5.31 0.49
CA VAL A 63 -4.41 4.76 0.21
C VAL A 63 -5.47 5.40 1.10
N MET A 64 -6.64 5.63 0.54
CA MET A 64 -7.73 6.25 1.29
C MET A 64 -8.58 5.18 1.97
N VAL A 65 -8.56 5.17 3.30
CA VAL A 65 -9.33 4.21 4.08
C VAL A 65 -10.48 4.90 4.81
N ALA A 66 -11.70 4.49 4.50
CA ALA A 66 -12.88 5.07 5.14
C ALA A 66 -12.92 6.59 4.97
N GLY A 67 -12.31 7.08 3.90
CA GLY A 67 -12.29 8.50 3.65
C GLY A 67 -11.14 9.21 4.36
N ARG A 68 -10.09 8.46 4.66
CA ARG A 68 -8.92 9.02 5.34
C ARG A 68 -7.64 8.49 4.72
N PRO A 69 -6.55 9.29 4.78
CA PRO A 69 -5.25 8.88 4.22
C PRO A 69 -4.59 7.78 5.03
N PHE A 70 -4.05 6.78 4.33
CA PHE A 70 -3.38 5.66 4.96
C PHE A 70 -2.29 5.09 4.06
N SER A 71 -1.50 4.17 4.60
CA SER A 71 -0.43 3.55 3.83
C SER A 71 -0.88 2.21 3.28
N TYR A 72 -0.55 1.94 2.02
CA TYR A 72 -0.92 0.69 1.38
C TYR A 72 -0.38 -0.51 2.16
N SER A 73 0.85 -0.40 2.63
CA SER A 73 1.48 -1.47 3.41
C SER A 73 0.74 -1.70 4.71
N GLU A 74 0.31 -0.61 5.34
CA GLU A 74 -0.41 -0.69 6.62
C GLU A 74 -1.79 -1.35 6.43
N VAL A 75 -2.34 -1.18 5.24
CA VAL A 75 -3.64 -1.75 4.92
C VAL A 75 -3.59 -3.27 4.90
N SER A 76 -2.58 -3.81 4.21
CA SER A 76 -2.41 -5.26 4.11
C SER A 76 -2.12 -5.87 5.49
N GLN A 77 -1.49 -5.07 6.35
CA GLN A 77 -1.16 -5.52 7.70
C GLN A 77 -2.39 -5.53 8.60
N ARG A 78 -3.36 -4.69 8.26
CA ARG A 78 -4.59 -4.58 9.03
C ARG A 78 -5.81 -4.79 8.14
N PRO A 79 -6.20 -6.07 7.93
CA PRO A 79 -7.36 -6.41 7.10
C PRO A 79 -8.61 -5.64 7.50
N GLU A 80 -8.68 -5.24 8.77
CA GLU A 80 -9.82 -4.50 9.28
C GLU A 80 -9.97 -3.16 8.55
N LEU A 81 -8.85 -2.62 8.10
CA LEU A 81 -8.85 -1.35 7.39
C LEU A 81 -9.56 -1.49 6.04
N VAL A 82 -9.37 -2.63 5.40
CA VAL A 82 -9.99 -2.90 4.10
C VAL A 82 -11.51 -2.95 4.22
N ALA A 83 -11.99 -3.52 5.32
CA ALA A 83 -13.43 -3.62 5.55
C ALA A 83 -14.05 -2.26 5.79
N GLN A 84 -13.25 -1.33 6.33
CA GLN A 84 -13.71 0.02 6.61
C GLN A 84 -13.77 0.85 5.33
N MET A 85 -13.01 0.44 4.32
CA MET A 85 -12.98 1.14 3.05
C MET A 85 -14.27 0.90 2.25
N THR A 86 -14.87 1.98 1.78
CA THR A 86 -16.11 1.87 0.99
C THR A 86 -15.83 1.16 -0.33
N PRO A 87 -16.90 0.83 -1.09
CA PRO A 87 -16.74 0.13 -2.38
C PRO A 87 -15.81 0.87 -3.32
N GLU A 88 -16.10 2.13 -3.60
CA GLU A 88 -15.27 2.93 -4.49
C GLU A 88 -13.84 2.99 -3.95
N GLU A 89 -13.73 3.19 -2.65
CA GLU A 89 -12.42 3.25 -2.00
C GLU A 89 -11.72 1.91 -2.10
N LYS A 90 -12.51 0.84 -2.07
CA LYS A 90 -11.98 -0.52 -2.16
C LYS A 90 -11.35 -0.73 -3.53
N GLU A 91 -11.96 -0.16 -4.56
CA GLU A 91 -11.46 -0.27 -5.92
C GLU A 91 -10.10 0.40 -6.05
N ALA A 92 -9.98 1.61 -5.50
CA ALA A 92 -8.72 2.35 -5.54
C ALA A 92 -7.60 1.53 -4.92
N TYR A 93 -7.96 0.71 -3.94
CA TYR A 93 -7.01 -0.14 -3.25
C TYR A 93 -6.50 -1.23 -4.19
N ILE A 94 -7.44 -1.87 -4.87
CA ILE A 94 -7.13 -2.94 -5.80
C ILE A 94 -6.54 -2.39 -7.10
N ALA A 95 -7.00 -1.21 -7.51
CA ALA A 95 -6.51 -0.59 -8.73
C ALA A 95 -5.01 -0.35 -8.66
N MET A 96 -4.53 0.09 -7.50
CA MET A 96 -3.12 0.35 -7.30
C MET A 96 -2.28 -0.91 -7.52
N GLY A 97 -2.84 -2.05 -7.10
CA GLY A 97 -2.13 -3.31 -7.26
C GLY A 97 -1.80 -3.62 -8.71
N GLN A 98 -2.74 -3.34 -9.60
CA GLN A 98 -2.54 -3.59 -11.02
C GLN A 98 -1.40 -2.74 -11.57
N ARG A 99 -1.29 -1.52 -11.06
CA ARG A 99 -0.24 -0.59 -11.49
C ARG A 99 1.14 -1.18 -11.20
N MET A 100 1.25 -1.88 -10.07
CA MET A 100 2.52 -2.49 -9.67
C MET A 100 3.01 -3.47 -10.72
N PHE A 101 2.07 -4.06 -11.45
CA PHE A 101 2.40 -5.03 -12.49
C PHE A 101 1.29 -5.11 -13.54
N GLU A 102 1.27 -4.15 -14.45
CA GLU A 102 0.26 -4.11 -15.50
C GLU A 102 0.61 -5.07 -16.63
N ASP A 103 1.89 -5.16 -16.91
CA ASP A 103 2.38 -6.03 -17.98
C ASP A 103 3.87 -6.34 -17.78
N LEU A 104 4.16 -7.33 -16.92
CA LEU A 104 5.53 -7.72 -16.64
C LEU A 104 5.63 -9.22 -16.38
N PHE A 105 5.66 -9.99 -17.46
CA PHE A 105 5.75 -11.45 -17.35
C PHE A 105 6.98 -11.97 -18.09
N GLU A 106 7.49 -13.11 -17.63
CA GLU A 106 8.67 -13.72 -18.24
C GLU A 106 8.27 -14.89 -19.14
N ASP A 47 2.44 11.19 19.94
CA ASP A 47 3.53 10.18 19.77
C ASP A 47 4.87 10.74 20.24
N GLU A 48 5.46 10.09 21.23
CA GLU A 48 6.75 10.52 21.77
C GLU A 48 7.86 9.56 21.35
N GLU A 49 9.07 10.09 21.21
CA GLU A 49 10.22 9.29 20.80
C GLU A 49 11.24 9.20 21.93
N GLU A 50 12.02 8.13 21.94
CA GLU A 50 13.03 7.92 22.96
C GLU A 50 14.41 8.33 22.44
N ASP A 51 14.43 9.38 21.62
CA ASP A 51 15.69 9.86 21.05
C ASP A 51 16.36 8.80 20.20
N ASP A 52 15.57 8.13 19.36
CA ASP A 52 16.08 7.09 18.49
C ASP A 52 15.60 7.29 17.05
N GLU A 53 16.52 7.18 16.10
CA GLU A 53 16.19 7.35 14.69
C GLU A 53 16.10 5.99 13.99
N PHE A 54 15.19 5.90 13.03
CA PHE A 54 15.00 4.66 12.28
C PHE A 54 15.05 4.92 10.77
N GLU A 55 15.31 3.87 10.00
CA GLU A 55 15.38 3.99 8.55
C GLU A 55 14.30 3.15 7.88
N GLU A 56 13.81 3.63 6.74
CA GLU A 56 12.77 2.91 6.00
C GLU A 56 13.23 2.63 4.57
N VAL A 57 12.64 1.60 3.96
CA VAL A 57 12.99 1.24 2.59
C VAL A 57 11.80 1.45 1.65
N ALA A 58 12.06 2.11 0.52
CA ALA A 58 11.03 2.38 -0.47
C ALA A 58 9.89 3.19 0.15
N ASP A 59 9.06 3.79 -0.70
CA ASP A 59 7.93 4.59 -0.25
C ASP A 59 6.65 4.18 -0.96
N ASP A 60 5.77 3.49 -0.25
CA ASP A 60 4.51 3.04 -0.82
C ASP A 60 3.53 4.20 -0.96
N PRO A 61 2.66 4.16 -1.98
CA PRO A 61 1.67 5.21 -2.22
C PRO A 61 0.58 5.24 -1.16
N ILE A 62 -0.08 6.38 -1.02
CA ILE A 62 -1.14 6.54 -0.04
C ILE A 62 -2.45 5.94 -0.55
N VAL A 63 -3.26 5.42 0.37
CA VAL A 63 -4.53 4.82 0.04
C VAL A 63 -5.66 5.43 0.86
N MET A 64 -6.81 5.66 0.22
CA MET A 64 -7.96 6.24 0.90
C MET A 64 -8.71 5.17 1.69
N VAL A 65 -8.70 5.29 3.01
CA VAL A 65 -9.39 4.34 3.88
C VAL A 65 -10.53 5.02 4.63
N ALA A 66 -11.75 4.67 4.27
CA ALA A 66 -12.93 5.25 4.93
C ALA A 66 -12.90 6.77 4.88
N GLY A 67 -12.17 7.32 3.91
CA GLY A 67 -12.08 8.77 3.78
C GLY A 67 -10.76 9.31 4.31
N ARG A 68 -10.09 8.53 5.16
CA ARG A 68 -8.81 8.95 5.74
C ARG A 68 -7.64 8.34 4.98
N PRO A 69 -6.54 9.10 4.83
CA PRO A 69 -5.34 8.63 4.11
C PRO A 69 -4.52 7.66 4.95
N PHE A 70 -4.07 6.59 4.31
CA PHE A 70 -3.26 5.58 4.99
C PHE A 70 -2.28 4.93 4.02
N SER A 71 -1.24 4.30 4.56
CA SER A 71 -0.24 3.63 3.73
C SER A 71 -0.78 2.32 3.18
N TYR A 72 -0.43 2.02 1.94
CA TYR A 72 -0.89 0.79 1.29
C TYR A 72 -0.44 -0.43 2.09
N SER A 73 0.80 -0.40 2.58
CA SER A 73 1.34 -1.50 3.35
C SER A 73 0.55 -1.70 4.65
N GLU A 74 0.19 -0.59 5.28
CA GLU A 74 -0.58 -0.65 6.53
C GLU A 74 -1.94 -1.28 6.32
N VAL A 75 -2.47 -1.13 5.11
CA VAL A 75 -3.77 -1.69 4.77
C VAL A 75 -3.71 -3.21 4.68
N SER A 76 -2.79 -3.72 3.87
CA SER A 76 -2.64 -5.16 3.70
C SER A 76 -2.28 -5.82 5.02
N GLN A 77 -1.59 -5.08 5.88
CA GLN A 77 -1.18 -5.60 7.18
C GLN A 77 -2.36 -5.63 8.15
N ARG A 78 -3.34 -4.76 7.91
CA ARG A 78 -4.52 -4.68 8.75
C ARG A 78 -5.79 -4.85 7.92
N PRO A 79 -6.23 -6.10 7.70
CA PRO A 79 -7.43 -6.40 6.93
C PRO A 79 -8.64 -5.60 7.42
N GLU A 80 -8.63 -5.23 8.68
CA GLU A 80 -9.73 -4.47 9.26
C GLU A 80 -9.90 -3.13 8.56
N LEU A 81 -8.80 -2.58 8.06
CA LEU A 81 -8.82 -1.31 7.36
C LEU A 81 -9.57 -1.45 6.02
N VAL A 82 -9.39 -2.59 5.38
CA VAL A 82 -10.03 -2.85 4.10
C VAL A 82 -11.56 -2.92 4.27
N ALA A 83 -11.98 -3.49 5.39
CA ALA A 83 -13.41 -3.62 5.68
C ALA A 83 -14.05 -2.26 5.92
N GLN A 84 -13.24 -1.32 6.40
CA GLN A 84 -13.72 0.03 6.68
C GLN A 84 -13.76 0.88 5.39
N MET A 85 -13.05 0.41 4.37
CA MET A 85 -13.00 1.13 3.09
C MET A 85 -14.28 0.92 2.30
N THR A 86 -14.86 2.01 1.80
CA THR A 86 -16.07 1.93 1.01
C THR A 86 -15.79 1.24 -0.33
N PRO A 87 -16.82 0.70 -1.00
CA PRO A 87 -16.66 0.02 -2.28
C PRO A 87 -15.74 0.78 -3.23
N GLU A 88 -16.03 2.05 -3.46
CA GLU A 88 -15.21 2.87 -4.35
C GLU A 88 -13.79 2.94 -3.82
N GLU A 89 -13.66 3.10 -2.51
CA GLU A 89 -12.36 3.17 -1.87
C GLU A 89 -11.63 1.83 -1.99
N LYS A 90 -12.41 0.75 -1.95
CA LYS A 90 -11.85 -0.59 -2.07
C LYS A 90 -11.23 -0.78 -3.45
N GLU A 91 -11.86 -0.17 -4.45
CA GLU A 91 -11.37 -0.26 -5.82
C GLU A 91 -9.99 0.38 -5.95
N ALA A 92 -9.84 1.57 -5.37
CA ALA A 92 -8.55 2.27 -5.42
C ALA A 92 -7.46 1.42 -4.79
N TYR A 93 -7.84 0.62 -3.81
CA TYR A 93 -6.90 -0.26 -3.13
C TYR A 93 -6.44 -1.36 -4.06
N ILE A 94 -7.40 -1.95 -4.75
CA ILE A 94 -7.13 -3.03 -5.68
C ILE A 94 -6.53 -2.52 -6.99
N ALA A 95 -6.97 -1.35 -7.42
CA ALA A 95 -6.48 -0.77 -8.66
C ALA A 95 -4.99 -0.41 -8.54
N MET A 96 -4.60 0.03 -7.35
CA MET A 96 -3.21 0.40 -7.10
C MET A 96 -2.27 -0.78 -7.30
N GLY A 97 -2.72 -1.95 -6.86
CA GLY A 97 -1.91 -3.15 -7.01
C GLY A 97 -1.65 -3.51 -8.46
N GLN A 98 -2.66 -3.30 -9.31
CA GLN A 98 -2.54 -3.60 -10.73
C GLN A 98 -1.42 -2.79 -11.37
N ARG A 99 -1.24 -1.57 -10.91
CA ARG A 99 -0.20 -0.69 -11.44
C ARG A 99 1.18 -1.20 -11.02
N MET A 100 1.26 -1.84 -9.86
CA MET A 100 2.51 -2.37 -9.36
C MET A 100 3.09 -3.42 -10.31
N PHE A 101 2.20 -4.07 -11.04
CA PHE A 101 2.61 -5.11 -12.00
C PHE A 101 2.49 -4.61 -13.43
N GLU A 102 1.62 -3.64 -13.64
CA GLU A 102 1.41 -3.07 -14.97
C GLU A 102 2.50 -2.07 -15.33
N ASP A 103 3.18 -1.54 -14.31
CA ASP A 103 4.25 -0.57 -14.51
C ASP A 103 5.39 -0.82 -13.53
N LEU A 104 6.23 -1.79 -13.84
CA LEU A 104 7.37 -2.12 -12.98
C LEU A 104 8.57 -2.54 -13.82
N PHE A 105 9.28 -1.56 -14.36
CA PHE A 105 10.46 -1.84 -15.18
C PHE A 105 11.69 -1.17 -14.60
N GLU A 106 12.86 -1.73 -14.90
CA GLU A 106 14.13 -1.19 -14.40
C GLU A 106 15.28 -1.56 -15.33
N ASP A 47 18.05 -13.88 28.69
CA ASP A 47 18.08 -13.11 29.96
C ASP A 47 18.03 -11.61 29.70
N GLU A 48 19.13 -11.06 29.19
CA GLU A 48 19.20 -9.64 28.89
C GLU A 48 19.18 -9.40 27.38
N GLU A 49 18.45 -8.37 26.97
CA GLU A 49 18.35 -8.02 25.56
C GLU A 49 18.50 -6.52 25.34
N GLU A 50 19.29 -6.14 24.34
CA GLU A 50 19.52 -4.73 24.03
C GLU A 50 18.91 -4.37 22.68
N ASP A 51 18.33 -3.18 22.60
CA ASP A 51 17.72 -2.72 21.36
C ASP A 51 17.60 -1.20 21.35
N ASP A 52 18.61 -0.54 20.76
CA ASP A 52 18.62 0.91 20.68
C ASP A 52 19.26 1.38 19.38
N GLU A 53 18.48 1.35 18.31
CA GLU A 53 18.97 1.77 17.00
C GLU A 53 17.87 2.47 16.21
N PHE A 54 18.28 3.21 15.17
CA PHE A 54 17.33 3.94 14.34
C PHE A 54 17.18 3.27 12.98
N GLU A 55 15.93 3.10 12.54
CA GLU A 55 15.66 2.47 11.24
C GLU A 55 14.97 3.44 10.30
N GLU A 56 15.10 3.19 9.01
CA GLU A 56 14.49 4.05 8.00
C GLU A 56 13.23 3.40 7.44
N VAL A 57 12.25 4.24 7.08
CA VAL A 57 10.99 3.75 6.54
C VAL A 57 10.95 3.94 5.03
N ALA A 58 10.57 2.88 4.32
CA ALA A 58 10.48 2.91 2.86
C ALA A 58 9.30 3.78 2.41
N ASP A 59 9.44 4.39 1.24
CA ASP A 59 8.39 5.25 0.70
C ASP A 59 7.32 4.42 0.01
N ASP A 60 6.10 4.48 0.55
CA ASP A 60 4.98 3.73 0.00
C ASP A 60 3.84 4.67 -0.42
N PRO A 61 3.00 4.23 -1.36
CA PRO A 61 1.87 5.04 -1.85
C PRO A 61 0.80 5.25 -0.77
N ILE A 62 0.00 6.30 -0.93
CA ILE A 62 -1.05 6.61 0.03
C ILE A 62 -2.39 6.05 -0.44
N VAL A 63 -3.15 5.49 0.50
CA VAL A 63 -4.45 4.93 0.19
C VAL A 63 -5.53 5.55 1.09
N MET A 64 -6.70 5.81 0.51
CA MET A 64 -7.80 6.40 1.26
C MET A 64 -8.61 5.33 1.99
N VAL A 65 -8.57 5.36 3.31
CA VAL A 65 -9.30 4.39 4.13
C VAL A 65 -10.44 5.08 4.87
N ALA A 66 -11.67 4.63 4.61
CA ALA A 66 -12.84 5.19 5.25
C ALA A 66 -12.93 6.70 5.04
N GLY A 67 -12.28 7.19 3.98
CA GLY A 67 -12.31 8.61 3.68
C GLY A 67 -11.16 9.35 4.32
N ARG A 68 -10.09 8.63 4.67
CA ARG A 68 -8.92 9.25 5.29
C ARG A 68 -7.64 8.69 4.69
N PRO A 69 -6.56 9.50 4.65
CA PRO A 69 -5.27 9.07 4.10
C PRO A 69 -4.62 7.97 4.93
N PHE A 70 -4.10 6.95 4.25
CA PHE A 70 -3.45 5.83 4.92
C PHE A 70 -2.33 5.26 4.05
N SER A 71 -1.56 4.34 4.62
CA SER A 71 -0.46 3.73 3.88
C SER A 71 -0.88 2.38 3.33
N TYR A 72 -0.54 2.12 2.06
CA TYR A 72 -0.89 0.88 1.41
C TYR A 72 -0.37 -0.33 2.19
N SER A 73 0.85 -0.20 2.72
CA SER A 73 1.47 -1.28 3.49
C SER A 73 0.68 -1.56 4.76
N GLU A 74 0.20 -0.50 5.41
CA GLU A 74 -0.56 -0.63 6.64
C GLU A 74 -1.91 -1.29 6.39
N VAL A 75 -2.44 -1.08 5.19
CA VAL A 75 -3.73 -1.65 4.82
C VAL A 75 -3.65 -3.17 4.71
N SER A 76 -2.73 -3.66 3.88
CA SER A 76 -2.56 -5.09 3.68
C SER A 76 -2.21 -5.77 5.00
N GLN A 77 -1.54 -5.03 5.88
CA GLN A 77 -1.15 -5.57 7.17
C GLN A 77 -2.35 -5.67 8.10
N ARG A 78 -3.36 -4.84 7.86
CA ARG A 78 -4.58 -4.83 8.65
C ARG A 78 -5.81 -5.02 7.78
N PRO A 79 -6.19 -6.27 7.51
CA PRO A 79 -7.36 -6.58 6.67
C PRO A 79 -8.61 -5.82 7.13
N GLU A 80 -8.66 -5.47 8.40
CA GLU A 80 -9.80 -4.76 8.96
C GLU A 80 -9.95 -3.39 8.31
N LEU A 81 -8.83 -2.83 7.85
CA LEU A 81 -8.83 -1.53 7.21
C LEU A 81 -9.58 -1.59 5.87
N VAL A 82 -9.39 -2.68 5.14
CA VAL A 82 -10.04 -2.86 3.85
C VAL A 82 -11.55 -2.92 4.01
N ALA A 83 -12.01 -3.55 5.10
CA ALA A 83 -13.43 -3.67 5.37
C ALA A 83 -14.05 -2.33 5.70
N GLN A 84 -13.24 -1.44 6.26
CA GLN A 84 -13.71 -0.11 6.63
C GLN A 84 -13.73 0.81 5.41
N MET A 85 -12.99 0.45 4.37
CA MET A 85 -12.94 1.24 3.15
C MET A 85 -14.21 1.08 2.33
N THR A 86 -14.76 2.21 1.87
CA THR A 86 -15.98 2.17 1.06
C THR A 86 -15.72 1.42 -0.24
N PRO A 87 -16.78 0.91 -0.90
CA PRO A 87 -16.64 0.17 -2.15
C PRO A 87 -15.71 0.84 -3.14
N GLU A 88 -15.96 2.12 -3.41
CA GLU A 88 -15.12 2.88 -4.33
C GLU A 88 -13.68 2.92 -3.81
N GLU A 89 -13.53 3.16 -2.52
CA GLU A 89 -12.23 3.20 -1.89
C GLU A 89 -11.55 1.83 -1.96
N LYS A 90 -12.37 0.78 -1.88
CA LYS A 90 -11.87 -0.57 -1.96
C LYS A 90 -11.25 -0.83 -3.33
N GLU A 91 -11.90 -0.29 -4.36
CA GLU A 91 -11.41 -0.45 -5.72
C GLU A 91 -10.06 0.23 -5.90
N ALA A 92 -9.93 1.45 -5.38
CA ALA A 92 -8.68 2.20 -5.48
C ALA A 92 -7.54 1.41 -4.85
N TYR A 93 -7.88 0.61 -3.84
CA TYR A 93 -6.90 -0.22 -3.16
C TYR A 93 -6.41 -1.32 -4.07
N ILE A 94 -7.36 -1.99 -4.71
CA ILE A 94 -7.06 -3.08 -5.62
C ILE A 94 -6.50 -2.57 -6.95
N ALA A 95 -6.98 -1.41 -7.37
CA ALA A 95 -6.53 -0.82 -8.63
C ALA A 95 -5.04 -0.56 -8.61
N MET A 96 -4.53 -0.09 -7.47
CA MET A 96 -3.11 0.20 -7.32
C MET A 96 -2.27 -1.06 -7.55
N GLY A 97 -2.76 -2.18 -7.05
CA GLY A 97 -2.05 -3.44 -7.20
C GLY A 97 -1.86 -3.82 -8.66
N GLN A 98 -2.91 -3.60 -9.46
CA GLN A 98 -2.86 -3.92 -10.89
C GLN A 98 -1.77 -3.14 -11.59
N ARG A 99 -1.54 -1.91 -11.12
CA ARG A 99 -0.52 -1.04 -11.71
C ARG A 99 0.88 -1.56 -11.38
N MET A 100 1.00 -2.22 -10.23
CA MET A 100 2.29 -2.76 -9.80
C MET A 100 2.82 -3.77 -10.81
N PHE A 101 1.92 -4.40 -11.55
CA PHE A 101 2.30 -5.39 -12.54
C PHE A 101 1.92 -4.94 -13.95
N GLU A 102 1.78 -3.62 -14.13
CA GLU A 102 1.42 -3.07 -15.43
C GLU A 102 2.64 -2.98 -16.36
N ASP A 103 3.83 -3.03 -15.76
CA ASP A 103 5.05 -2.95 -16.54
C ASP A 103 6.14 -3.85 -15.94
N LEU A 104 6.04 -5.14 -16.23
CA LEU A 104 7.00 -6.11 -15.71
C LEU A 104 7.19 -7.26 -16.70
N PHE A 105 8.03 -7.04 -17.71
CA PHE A 105 8.30 -8.06 -18.72
C PHE A 105 9.70 -8.64 -18.54
N GLU A 106 9.79 -9.97 -18.63
CA GLU A 106 11.07 -10.66 -18.48
C GLU A 106 11.60 -11.10 -19.84
N ASP A 47 28.03 14.14 6.52
CA ASP A 47 27.57 12.83 6.00
C ASP A 47 28.72 12.06 5.35
N GLU A 48 29.18 12.55 4.21
CA GLU A 48 30.27 11.91 3.48
C GLU A 48 31.46 12.86 3.33
N GLU A 49 32.25 12.97 4.39
CA GLU A 49 33.42 13.85 4.38
C GLU A 49 34.59 13.19 3.67
N GLU A 50 34.69 11.87 3.80
CA GLU A 50 35.77 11.11 3.17
C GLU A 50 35.22 9.89 2.45
N ASP A 51 34.60 8.98 3.20
CA ASP A 51 34.04 7.77 2.63
C ASP A 51 32.78 8.08 1.82
N ASP A 52 32.72 7.52 0.62
CA ASP A 52 31.58 7.74 -0.26
C ASP A 52 30.66 6.53 -0.29
N GLU A 53 29.46 6.70 0.24
CA GLU A 53 28.47 5.61 0.28
C GLU A 53 27.19 6.01 -0.44
N PHE A 54 26.68 5.11 -1.27
CA PHE A 54 25.45 5.36 -2.01
C PHE A 54 24.29 4.53 -1.46
N GLU A 55 23.21 5.21 -1.09
CA GLU A 55 22.03 4.54 -0.55
C GLU A 55 20.77 4.97 -1.28
N GLU A 56 19.78 4.09 -1.32
CA GLU A 56 18.52 4.37 -2.00
C GLU A 56 17.37 4.43 -0.99
N VAL A 57 16.50 5.42 -1.14
CA VAL A 57 15.36 5.58 -0.26
C VAL A 57 14.07 5.75 -1.05
N ALA A 58 13.03 5.03 -0.62
CA ALA A 58 11.73 5.10 -1.30
C ALA A 58 10.59 4.92 -0.30
N ASP A 59 9.45 5.54 -0.60
CA ASP A 59 8.28 5.46 0.27
C ASP A 59 7.15 4.68 -0.40
N ASP A 60 6.15 4.29 0.38
CA ASP A 60 5.01 3.55 -0.15
C ASP A 60 3.88 4.49 -0.55
N PRO A 61 3.01 4.05 -1.47
CA PRO A 61 1.88 4.86 -1.94
C PRO A 61 0.84 5.10 -0.84
N ILE A 62 0.04 6.13 -1.01
CA ILE A 62 -0.99 6.46 -0.03
C ILE A 62 -2.36 5.95 -0.48
N VAL A 63 -3.05 5.28 0.44
CA VAL A 63 -4.37 4.72 0.16
C VAL A 63 -5.42 5.37 1.05
N MET A 64 -6.58 5.66 0.47
CA MET A 64 -7.67 6.28 1.23
C MET A 64 -8.53 5.22 1.92
N VAL A 65 -8.49 5.21 3.25
CA VAL A 65 -9.27 4.26 4.02
C VAL A 65 -10.42 4.95 4.75
N ALA A 66 -11.64 4.55 4.45
CA ALA A 66 -12.81 5.13 5.08
C ALA A 66 -12.87 6.64 4.87
N GLY A 67 -12.23 7.11 3.79
CA GLY A 67 -12.21 8.53 3.50
C GLY A 67 -11.07 9.27 4.18
N ARG A 68 -10.03 8.53 4.54
CA ARG A 68 -8.86 9.12 5.18
C ARG A 68 -7.56 8.56 4.61
N PRO A 69 -6.48 9.36 4.62
CA PRO A 69 -5.18 8.94 4.08
C PRO A 69 -4.57 7.80 4.91
N PHE A 70 -4.04 6.80 4.20
CA PHE A 70 -3.42 5.65 4.85
C PHE A 70 -2.30 5.10 3.98
N SER A 71 -1.53 4.15 4.53
CA SER A 71 -0.43 3.54 3.81
C SER A 71 -0.85 2.18 3.26
N TYR A 72 -0.52 1.92 2.00
CA TYR A 72 -0.87 0.66 1.35
C TYR A 72 -0.33 -0.52 2.15
N SER A 73 0.86 -0.36 2.71
CA SER A 73 1.49 -1.42 3.49
C SER A 73 0.70 -1.69 4.78
N GLU A 74 0.25 -0.63 5.43
CA GLU A 74 -0.52 -0.76 6.66
C GLU A 74 -1.86 -1.44 6.41
N VAL A 75 -2.40 -1.24 5.22
CA VAL A 75 -3.68 -1.82 4.85
C VAL A 75 -3.59 -3.35 4.79
N SER A 76 -2.57 -3.85 4.11
CA SER A 76 -2.38 -5.29 3.98
C SER A 76 -2.08 -5.93 5.33
N GLN A 77 -1.48 -5.14 6.22
CA GLN A 77 -1.14 -5.63 7.55
C GLN A 77 -2.37 -5.63 8.45
N ARG A 78 -3.34 -4.78 8.14
CA ARG A 78 -4.57 -4.68 8.91
C ARG A 78 -5.79 -4.88 8.02
N PRO A 79 -6.20 -6.14 7.80
CA PRO A 79 -7.34 -6.47 6.96
C PRO A 79 -8.59 -5.68 7.35
N GLU A 80 -8.66 -5.28 8.61
CA GLU A 80 -9.80 -4.52 9.12
C GLU A 80 -9.92 -3.18 8.40
N LEU A 81 -8.79 -2.67 7.94
CA LEU A 81 -8.75 -1.40 7.23
C LEU A 81 -9.48 -1.50 5.90
N VAL A 82 -9.30 -2.62 5.22
CA VAL A 82 -9.95 -2.86 3.93
C VAL A 82 -11.47 -2.88 4.07
N ALA A 83 -11.94 -3.47 5.17
CA ALA A 83 -13.37 -3.57 5.43
C ALA A 83 -13.96 -2.18 5.70
N GLN A 84 -13.14 -1.30 6.25
CA GLN A 84 -13.58 0.05 6.56
C GLN A 84 -13.67 0.91 5.30
N MET A 85 -12.94 0.50 4.27
CA MET A 85 -12.95 1.23 3.00
C MET A 85 -14.24 0.99 2.23
N THR A 86 -14.83 2.06 1.72
CA THR A 86 -16.07 1.96 0.96
C THR A 86 -15.83 1.21 -0.35
N PRO A 87 -16.89 0.87 -1.08
CA PRO A 87 -16.77 0.14 -2.36
C PRO A 87 -15.82 0.82 -3.33
N GLU A 88 -16.08 2.08 -3.62
CA GLU A 88 -15.22 2.84 -4.54
C GLU A 88 -13.80 2.89 -4.00
N GLU A 89 -13.68 3.10 -2.69
CA GLU A 89 -12.37 3.14 -2.05
C GLU A 89 -11.70 1.78 -2.13
N LYS A 90 -12.51 0.73 -2.09
CA LYS A 90 -11.99 -0.63 -2.16
C LYS A 90 -11.34 -0.86 -3.53
N GLU A 91 -11.94 -0.28 -4.56
CA GLU A 91 -11.43 -0.42 -5.91
C GLU A 91 -10.07 0.26 -6.04
N ALA A 92 -9.97 1.47 -5.49
CA ALA A 92 -8.71 2.22 -5.53
C ALA A 92 -7.59 1.41 -4.90
N TYR A 93 -7.96 0.58 -3.93
CA TYR A 93 -6.99 -0.27 -3.25
C TYR A 93 -6.47 -1.34 -4.18
N ILE A 94 -7.41 -2.00 -4.86
CA ILE A 94 -7.08 -3.05 -5.80
C ILE A 94 -6.48 -2.49 -7.08
N ALA A 95 -6.95 -1.33 -7.49
CA ALA A 95 -6.45 -0.69 -8.71
C ALA A 95 -5.03 -0.16 -8.50
N MET A 96 -4.72 0.20 -7.26
CA MET A 96 -3.40 0.73 -6.94
C MET A 96 -2.34 -0.36 -7.01
N GLY A 97 -2.76 -1.59 -6.71
CA GLY A 97 -1.84 -2.72 -6.74
C GLY A 97 -1.67 -3.31 -8.13
N GLN A 98 -2.79 -3.45 -8.85
CA GLN A 98 -2.75 -4.01 -10.20
C GLN A 98 -1.83 -3.20 -11.11
N ARG A 99 -1.91 -1.88 -11.00
CA ARG A 99 -1.09 -0.99 -11.81
C ARG A 99 0.40 -1.27 -11.59
N MET A 100 0.74 -1.72 -10.39
CA MET A 100 2.13 -2.02 -10.04
C MET A 100 2.71 -3.07 -10.99
N PHE A 101 1.84 -3.87 -11.60
CA PHE A 101 2.27 -4.90 -12.52
C PHE A 101 2.24 -4.41 -13.97
N GLU A 102 2.28 -3.10 -14.15
CA GLU A 102 2.25 -2.51 -15.49
C GLU A 102 3.63 -2.55 -16.13
N ASP A 103 4.67 -2.66 -15.31
CA ASP A 103 6.04 -2.72 -15.80
C ASP A 103 6.93 -3.50 -14.84
N LEU A 104 6.93 -4.82 -14.97
CA LEU A 104 7.73 -5.67 -14.12
C LEU A 104 8.29 -6.86 -14.90
N PHE A 105 9.36 -6.62 -15.65
CA PHE A 105 9.98 -7.67 -16.45
C PHE A 105 11.44 -7.86 -16.03
N GLU A 106 11.96 -9.07 -16.26
CA GLU A 106 13.33 -9.39 -15.91
C GLU A 106 14.19 -9.51 -17.18
N ASP A 47 15.85 -6.64 -17.01
CA ASP A 47 16.57 -7.88 -17.39
C ASP A 47 17.60 -7.61 -18.47
N GLU A 48 18.64 -6.86 -18.09
CA GLU A 48 19.71 -6.52 -19.04
C GLU A 48 20.91 -7.44 -18.84
N GLU A 49 21.67 -7.65 -19.92
CA GLU A 49 22.84 -8.52 -19.87
C GLU A 49 24.04 -7.79 -19.25
N GLU A 50 24.07 -6.47 -19.43
CA GLU A 50 25.15 -5.66 -18.90
C GLU A 50 24.62 -4.35 -18.31
N ASP A 51 24.09 -4.43 -17.10
CA ASP A 51 23.54 -3.26 -16.42
C ASP A 51 23.78 -3.34 -14.92
N ASP A 52 24.78 -2.60 -14.45
CA ASP A 52 25.11 -2.58 -13.03
C ASP A 52 24.15 -1.66 -12.26
N GLU A 53 23.29 -2.27 -11.44
CA GLU A 53 22.33 -1.51 -10.66
C GLU A 53 22.48 -1.81 -9.16
N PHE A 54 22.07 -0.86 -8.33
CA PHE A 54 22.16 -1.01 -6.89
C PHE A 54 20.78 -1.12 -6.27
N GLU A 55 20.69 -1.75 -5.10
CA GLU A 55 19.42 -1.92 -4.41
C GLU A 55 19.04 -0.66 -3.66
N GLU A 56 17.79 -0.24 -3.81
CA GLU A 56 17.29 0.95 -3.14
C GLU A 56 15.90 0.72 -2.56
N VAL A 57 15.49 1.61 -1.67
CA VAL A 57 14.18 1.51 -1.02
C VAL A 57 13.19 2.50 -1.62
N ALA A 58 12.01 2.02 -1.98
CA ALA A 58 10.98 2.87 -2.57
C ALA A 58 9.88 3.17 -1.55
N ASP A 59 9.27 4.35 -1.68
CA ASP A 59 8.20 4.75 -0.78
C ASP A 59 6.88 4.10 -1.17
N ASP A 60 6.17 3.57 -0.18
CA ASP A 60 4.89 2.90 -0.42
C ASP A 60 3.83 3.92 -0.85
N PRO A 61 2.83 3.49 -1.63
CA PRO A 61 1.75 4.35 -2.11
C PRO A 61 0.75 4.69 -1.00
N ILE A 62 -0.09 5.68 -1.25
CA ILE A 62 -1.08 6.10 -0.28
C ILE A 62 -2.47 5.56 -0.64
N VAL A 63 -3.12 4.96 0.34
CA VAL A 63 -4.45 4.39 0.14
C VAL A 63 -5.49 5.11 0.99
N MET A 64 -6.65 5.39 0.40
CA MET A 64 -7.71 6.08 1.13
C MET A 64 -8.57 5.10 1.91
N VAL A 65 -8.52 5.21 3.23
CA VAL A 65 -9.30 4.33 4.11
C VAL A 65 -10.35 5.12 4.88
N ALA A 66 -11.60 4.72 4.75
CA ALA A 66 -12.70 5.40 5.44
C ALA A 66 -12.73 6.88 5.09
N GLY A 67 -12.23 7.22 3.91
CA GLY A 67 -12.22 8.61 3.47
C GLY A 67 -11.03 9.38 4.02
N ARG A 68 -9.97 8.66 4.39
CA ARG A 68 -8.78 9.29 4.92
C ARG A 68 -7.51 8.66 4.33
N PRO A 69 -6.41 9.42 4.27
CA PRO A 69 -5.14 8.93 3.72
C PRO A 69 -4.50 7.86 4.60
N PHE A 70 -4.02 6.80 3.96
CA PHE A 70 -3.38 5.71 4.68
C PHE A 70 -2.26 5.10 3.84
N SER A 71 -1.48 4.20 4.45
CA SER A 71 -0.39 3.54 3.75
C SER A 71 -0.81 2.18 3.24
N TYR A 72 -0.55 1.92 1.96
CA TYR A 72 -0.92 0.64 1.35
C TYR A 72 -0.39 -0.53 2.17
N SER A 73 0.84 -0.39 2.67
CA SER A 73 1.45 -1.43 3.47
C SER A 73 0.74 -1.59 4.81
N GLU A 74 0.26 -0.48 5.35
CA GLU A 74 -0.45 -0.48 6.62
C GLU A 74 -1.80 -1.19 6.50
N VAL A 75 -2.38 -1.11 5.32
CA VAL A 75 -3.67 -1.75 5.05
C VAL A 75 -3.53 -3.26 5.02
N SER A 76 -2.49 -3.75 4.35
CA SER A 76 -2.24 -5.19 4.25
C SER A 76 -1.97 -5.79 5.61
N GLN A 77 -1.39 -4.99 6.50
CA GLN A 77 -1.08 -5.45 7.85
C GLN A 77 -2.33 -5.50 8.71
N ARG A 78 -3.31 -4.69 8.36
CA ARG A 78 -4.57 -4.64 9.10
C ARG A 78 -5.76 -4.85 8.17
N PRO A 79 -6.12 -6.11 7.89
CA PRO A 79 -7.24 -6.44 7.00
C PRO A 79 -8.52 -5.74 7.41
N GLU A 80 -8.62 -5.38 8.69
CA GLU A 80 -9.80 -4.71 9.21
C GLU A 80 -10.00 -3.36 8.52
N LEU A 81 -8.91 -2.76 8.08
CA LEU A 81 -8.96 -1.47 7.41
C LEU A 81 -9.67 -1.60 6.06
N VAL A 82 -9.45 -2.73 5.38
CA VAL A 82 -10.07 -2.98 4.09
C VAL A 82 -11.59 -3.04 4.22
N ALA A 83 -12.06 -3.63 5.32
CA ALA A 83 -13.50 -3.75 5.55
C ALA A 83 -14.14 -2.39 5.74
N GLN A 84 -13.35 -1.44 6.25
CA GLN A 84 -13.84 -0.09 6.48
C GLN A 84 -13.83 0.72 5.18
N MET A 85 -13.04 0.27 4.21
CA MET A 85 -12.95 0.95 2.92
C MET A 85 -14.24 0.79 2.14
N THR A 86 -14.84 1.92 1.75
CA THR A 86 -16.07 1.90 0.97
C THR A 86 -15.85 1.19 -0.36
N PRO A 87 -16.93 0.86 -1.09
CA PRO A 87 -16.83 0.18 -2.38
C PRO A 87 -15.86 0.87 -3.33
N GLU A 88 -16.11 2.16 -3.58
CA GLU A 88 -15.24 2.93 -4.46
C GLU A 88 -13.83 2.96 -3.90
N GLU A 89 -13.73 3.09 -2.59
CA GLU A 89 -12.44 3.12 -1.91
C GLU A 89 -11.74 1.76 -2.07
N LYS A 90 -12.54 0.69 -2.09
CA LYS A 90 -11.99 -0.65 -2.23
C LYS A 90 -11.34 -0.80 -3.61
N GLU A 91 -11.95 -0.17 -4.61
CA GLU A 91 -11.43 -0.23 -5.97
C GLU A 91 -10.06 0.44 -6.04
N ALA A 92 -9.95 1.63 -5.45
CA ALA A 92 -8.69 2.36 -5.44
C ALA A 92 -7.59 1.54 -4.80
N TYR A 93 -7.98 0.69 -3.85
CA TYR A 93 -7.05 -0.18 -3.16
C TYR A 93 -6.52 -1.25 -4.10
N ILE A 94 -7.45 -1.85 -4.83
CA ILE A 94 -7.12 -2.91 -5.77
C ILE A 94 -6.52 -2.36 -7.06
N ALA A 95 -6.97 -1.18 -7.46
CA ALA A 95 -6.47 -0.55 -8.67
C ALA A 95 -4.98 -0.22 -8.55
N MET A 96 -4.56 0.20 -7.37
CA MET A 96 -3.16 0.54 -7.14
C MET A 96 -2.25 -0.67 -7.38
N GLY A 97 -2.67 -1.82 -6.86
CA GLY A 97 -1.90 -3.04 -7.03
C GLY A 97 -1.70 -3.40 -8.49
N GLN A 98 -2.75 -3.24 -9.28
CA GLN A 98 -2.70 -3.55 -10.70
C GLN A 98 -1.72 -2.63 -11.43
N ARG A 99 -1.64 -1.38 -10.97
CA ARG A 99 -0.75 -0.40 -11.57
C ARG A 99 0.71 -0.71 -11.22
N MET A 100 0.94 -1.18 -10.00
CA MET A 100 2.28 -1.50 -9.55
C MET A 100 2.91 -2.57 -10.44
N PHE A 101 2.07 -3.37 -11.07
CA PHE A 101 2.55 -4.43 -11.95
C PHE A 101 2.55 -3.98 -13.42
N GLU A 102 2.17 -2.72 -13.66
CA GLU A 102 2.13 -2.19 -15.02
C GLU A 102 3.37 -1.34 -15.31
N ASP A 103 4.04 -0.89 -14.26
CA ASP A 103 5.23 -0.06 -14.41
C ASP A 103 6.26 -0.38 -13.33
N LEU A 104 7.00 -1.45 -13.53
CA LEU A 104 8.03 -1.87 -12.58
C LEU A 104 9.07 -2.75 -13.24
N PHE A 105 10.09 -2.12 -13.82
CA PHE A 105 11.15 -2.85 -14.50
C PHE A 105 12.53 -2.33 -14.07
N GLU A 106 13.56 -3.10 -14.38
CA GLU A 106 14.92 -2.72 -14.02
C GLU A 106 15.82 -2.70 -15.25
#